data_7RTK
#
_entry.id   7RTK
#
_cell.length_a   86.350
_cell.length_b   86.350
_cell.length_c   246.370
_cell.angle_alpha   90.000
_cell.angle_beta   90.000
_cell.angle_gamma   90.000
#
_symmetry.space_group_name_H-M   'P 41 21 2'
#
loop_
_entity.id
_entity.type
_entity.pdbx_description
1 polymer 'Cysteine desulfurase, mitochondrial'
2 polymer 'LYR motif-containing protein 4'
3 polymer 'Acyl carrier protein'
4 polymer 'Iron-sulfur cluster assembly enzyme ISCU, mitochondrial'
5 non-polymer "PYRIDOXAL-5'-PHOSPHATE"
6 non-polymer 1,2-ETHANEDIOL
7 non-polymer GLYCEROL
8 non-polymer 'TETRAETHYLENE GLYCOL'
9 non-polymer DI(HYDROXYETHYL)ETHER
10 non-polymer 2,5,8,11,14,17-HEXAOXANONADECAN-19-OL
11 non-polymer 2,3-DIHYDROXY-1,4-DITHIOBUTANE
12 non-polymer 'TRIETHYLENE GLYCOL'
13 non-polymer '{[-(BIS-CARBOXYMETHYL-AMINO)-ETHYL]-CARBOXYMETHYL-AMINO}-ACETIC ACID'
14 non-polymer 'S-[2-({N-[(2R)-2-hydroxy-3,3-dimethyl-4-(phosphonooxy)butanoyl]-beta-alanyl}amino)ethyl] dodecanethioate'
15 non-polymer '2-(N-MORPHOLINO)-ETHANESULFONIC ACID'
16 non-polymer 'PENTAETHYLENE GLYCOL'
17 water water
#
loop_
_entity_poly.entity_id
_entity_poly.type
_entity_poly.pdbx_seq_one_letter_code
_entity_poly.pdbx_strand_id
1 'polypeptide(L)'
;MGSSLRPLYMDVQATTPLDPRVLDAMLPYLINYYGNPHSRTHAYGWESEAAMERARQQVASLIGADPREIIFTSGATESN
NIAIKGVARFYRSRKKHLITTQTEHKCVLDSCRSLEAEGFQVTYLPVQKSGIIDLKELEAAIQPDTSLVSVMTVNNEIGV
KQPIAEIGRICSSRKVYFHTDAAQAVGKIPLDVNDMKIDLMSISGHKIYGPKGVGAIYIRRRPRVRVEALQSGGGQERGM
RSGTVPTPLVVGLGAACEVAQQEMEYDHKRISKLSERLIQNIMKSLPDVVMNGDPKHHYPGCINLSFAYVEGESLLMALK
DVALSSGSACTSASLEPSYVLRAIGTDEDLAHSSIRFGIGRFTTEEEVDYTVEKCIQHVKRLREMSPLWEMVQDGIDLKS
IKWTQH
;
A
2 'polypeptide(L)'
;MAASSRAQVLALYRAMLRESKRFSAYNYRTYAVRRIRDAFRENKNVKDPVEIQTLVNKAKRDLGVIRRQVHIGQLYSTDK
LIIENRDMPRT
;
B
3 'polypeptide(L)' STIEERVKKIIGEQLGVKQEEVTNNASFVEDLGADSLDTVELVMALEEEFDTEIPDEEAEKITTVQAAIDYINGHQA C
4 'polypeptide(L)'
;MADHKKVVDHYENPRNVGSLDKTSKNVGTGLVGAPACGDVMKLQIQVDEKGKIVDARFKTFGCGSAIASSSLATEWVKGK
TVEEALTIKNTDIAKELCLPPVKLHCSMLAEDAIKAALADYKLKQEPKKGEAEKKLEHHHHHH
;
D
#
loop_
_chem_comp.id
_chem_comp.type
_chem_comp.name
_chem_comp.formula
1PE non-polymer 'PENTAETHYLENE GLYCOL' 'C10 H22 O6'
8Q1 non-polymer 'S-[2-({N-[(2R)-2-hydroxy-3,3-dimethyl-4-(phosphonooxy)butanoyl]-beta-alanyl}amino)ethyl] dodecanethioate' 'C23 H45 N2 O8 P S'
DTT non-polymer 2,3-DIHYDROXY-1,4-DITHIOBUTANE 'C4 H10 O2 S2'
EDO non-polymer 1,2-ETHANEDIOL 'C2 H6 O2'
EDT non-polymer '{[-(BIS-CARBOXYMETHYL-AMINO)-ETHYL]-CARBOXYMETHYL-AMINO}-ACETIC ACID' 'C10 H16 N2 O8'
GOL non-polymer GLYCEROL 'C3 H8 O3'
MES non-polymer '2-(N-MORPHOLINO)-ETHANESULFONIC ACID' 'C6 H13 N O4 S'
P15 non-polymer 2,5,8,11,14,17-HEXAOXANONADECAN-19-OL 'C13 H28 O7'
PEG non-polymer DI(HYDROXYETHYL)ETHER 'C4 H10 O3'
PG4 non-polymer 'TETRAETHYLENE GLYCOL' 'C8 H18 O5'
PGE non-polymer 'TRIETHYLENE GLYCOL' 'C6 H14 O4'
PLP non-polymer PYRIDOXAL-5'-PHOSPHATE 'C8 H10 N O6 P'
#
# COMPACT_ATOMS: atom_id res chain seq x y z
N SER A 4 -13.59 17.49 6.83
CA SER A 4 -12.23 17.48 7.35
C SER A 4 -11.24 16.91 6.32
N LEU A 5 -9.98 17.33 6.43
CA LEU A 5 -8.96 16.90 5.50
C LEU A 5 -8.74 15.40 5.58
N ARG A 6 -8.41 14.79 4.45
CA ARG A 6 -8.36 13.34 4.30
C ARG A 6 -6.95 12.81 4.46
N PRO A 7 -6.80 11.57 4.94
CA PRO A 7 -5.46 11.03 5.18
C PRO A 7 -4.76 10.64 3.89
N LEU A 8 -3.43 10.60 3.96
CA LEU A 8 -2.64 10.11 2.85
C LEU A 8 -2.86 8.61 2.67
N TYR A 9 -2.92 8.17 1.42
CA TYR A 9 -3.09 6.76 1.12
C TYR A 9 -1.73 6.10 0.95
N MET A 10 -1.36 5.27 1.91
CA MET A 10 -0.12 4.49 1.86
C MET A 10 -0.41 3.01 2.14
N ASP A 11 -1.38 2.46 1.40
CA ASP A 11 -1.91 1.12 1.65
C ASP A 11 -2.22 0.41 0.33
N VAL A 12 -1.36 0.58 -0.68
CA VAL A 12 -1.68 0.06 -2.01
C VAL A 12 -1.68 -1.46 -2.06
N GLN A 13 -1.06 -2.15 -1.11
CA GLN A 13 -1.15 -3.61 -1.11
C GLN A 13 -2.54 -4.10 -0.76
N ALA A 14 -3.35 -3.26 -0.10
CA ALA A 14 -4.74 -3.62 0.20
C ALA A 14 -5.64 -3.41 -1.01
N THR A 15 -5.42 -2.32 -1.75
CA THR A 15 -6.10 -2.00 -3.00
C THR A 15 -5.48 -0.72 -3.54
N THR A 16 -5.74 -0.45 -4.82
CA THR A 16 -5.19 0.73 -5.46
C THR A 16 -6.30 1.63 -5.96
N PRO A 17 -6.04 2.92 -6.10
CA PRO A 17 -6.98 3.78 -6.83
C PRO A 17 -7.02 3.40 -8.29
N LEU A 18 -8.13 3.75 -8.94
CA LEU A 18 -8.21 3.57 -10.39
C LEU A 18 -7.25 4.52 -11.08
N ASP A 19 -6.42 4.00 -11.97
CA ASP A 19 -5.68 4.87 -12.86
C ASP A 19 -6.68 5.62 -13.75
N PRO A 20 -6.57 6.93 -13.89
CA PRO A 20 -7.52 7.67 -14.72
C PRO A 20 -7.62 7.15 -16.15
N ARG A 21 -6.53 6.63 -16.71
CA ARG A 21 -6.59 6.02 -18.04
C ARG A 21 -7.51 4.80 -18.05
N VAL A 22 -7.53 4.06 -16.94
CA VAL A 22 -8.38 2.87 -16.86
C VAL A 22 -9.86 3.27 -16.79
N LEU A 23 -10.19 4.20 -15.89
CA LEU A 23 -11.57 4.68 -15.79
C LEU A 23 -12.04 5.23 -17.13
N ASP A 24 -11.21 6.01 -17.81
CA ASP A 24 -11.58 6.55 -19.12
C ASP A 24 -11.92 5.43 -20.09
N ALA A 25 -11.15 4.35 -20.07
CA ALA A 25 -11.40 3.25 -21.00
C ALA A 25 -12.69 2.52 -20.66
N MET A 26 -13.03 2.39 -19.38
CA MET A 26 -14.25 1.69 -18.98
C MET A 26 -15.53 2.48 -19.25
N LEU A 27 -15.49 3.81 -19.11
CA LEU A 27 -16.73 4.58 -19.06
C LEU A 27 -17.61 4.42 -20.30
N PRO A 28 -17.11 4.31 -21.53
CA PRO A 28 -18.01 4.05 -22.66
C PRO A 28 -18.82 2.77 -22.50
N TYR A 29 -18.28 1.77 -21.82
CA TYR A 29 -19.00 0.52 -21.61
C TYR A 29 -19.93 0.59 -20.41
N LEU A 30 -19.90 1.70 -19.66
CA LEU A 30 -20.86 1.94 -18.58
C LEU A 30 -21.98 2.87 -19.00
N ILE A 31 -21.86 3.51 -20.16
CA ILE A 31 -22.85 4.46 -20.63
C ILE A 31 -23.58 3.91 -21.85
N ASN A 32 -22.87 3.78 -22.98
CA ASN A 32 -23.52 3.43 -24.24
C ASN A 32 -23.29 2.00 -24.70
N TYR A 33 -22.12 1.42 -24.44
CA TYR A 33 -21.82 0.06 -24.93
C TYR A 33 -22.06 -0.95 -23.81
N TYR A 34 -23.34 -1.10 -23.46
CA TYR A 34 -23.75 -1.91 -22.32
C TYR A 34 -24.16 -3.32 -22.71
N GLY A 35 -23.88 -3.74 -23.94
CA GLY A 35 -24.34 -5.03 -24.39
C GLY A 35 -23.69 -6.19 -23.66
N ASN A 36 -24.37 -7.32 -23.71
CA ASN A 36 -23.85 -8.58 -23.18
C ASN A 36 -22.84 -9.16 -24.18
N PRO A 37 -21.59 -9.41 -23.77
CA PRO A 37 -20.58 -9.91 -24.72
C PRO A 37 -20.93 -11.27 -25.32
N HIS A 38 -21.91 -11.97 -24.76
CA HIS A 38 -22.35 -13.26 -25.26
C HIS A 38 -23.60 -13.16 -26.12
N SER A 39 -24.12 -11.95 -26.36
CA SER A 39 -25.22 -11.75 -27.29
C SER A 39 -24.67 -11.78 -28.70
N ARG A 40 -24.93 -12.87 -29.42
CA ARG A 40 -24.27 -13.09 -30.71
C ARG A 40 -25.00 -12.47 -31.89
N THR A 41 -26.22 -11.95 -31.70
CA THR A 41 -27.07 -11.60 -32.82
C THR A 41 -27.19 -10.10 -33.09
N HIS A 42 -26.52 -9.24 -32.32
CA HIS A 42 -26.67 -7.80 -32.58
C HIS A 42 -25.40 -7.03 -32.21
N ALA A 43 -25.40 -5.76 -32.62
CA ALA A 43 -24.21 -4.91 -32.52
C ALA A 43 -23.84 -4.56 -31.08
N TYR A 44 -24.82 -4.46 -30.19
CA TYR A 44 -24.49 -4.27 -28.78
C TYR A 44 -23.66 -5.44 -28.27
N GLY A 45 -23.95 -6.64 -28.74
CA GLY A 45 -23.14 -7.79 -28.37
C GLY A 45 -21.80 -7.81 -29.09
N TRP A 46 -21.80 -7.54 -30.40
CA TRP A 46 -20.57 -7.60 -31.19
C TRP A 46 -19.52 -6.65 -30.63
N GLU A 47 -19.92 -5.40 -30.38
CA GLU A 47 -18.95 -4.43 -29.87
C GLU A 47 -18.52 -4.76 -28.44
N SER A 48 -19.43 -5.34 -27.64
CA SER A 48 -19.05 -5.76 -26.30
C SER A 48 -18.07 -6.91 -26.34
N GLU A 49 -18.31 -7.88 -27.23
CA GLU A 49 -17.38 -9.00 -27.36
C GLU A 49 -16.02 -8.55 -27.86
N ALA A 50 -15.99 -7.60 -28.81
CA ALA A 50 -14.72 -7.12 -29.34
C ALA A 50 -13.89 -6.45 -28.25
N ALA A 51 -14.54 -5.71 -27.35
CA ALA A 51 -13.83 -5.10 -26.23
C ALA A 51 -13.34 -6.16 -25.25
N MET A 52 -14.15 -7.21 -25.03
CA MET A 52 -13.70 -8.36 -24.24
C MET A 52 -12.41 -8.95 -24.78
N GLU A 53 -12.39 -9.28 -26.08
CA GLU A 53 -11.25 -9.96 -26.65
C GLU A 53 -10.04 -9.04 -26.75
N ARG A 54 -10.30 -7.77 -27.02
CA ARG A 54 -9.16 -6.78 -26.90
CA ARG A 54 -9.19 -6.78 -26.92
C ARG A 54 -8.44 -6.70 -25.49
N ALA A 55 -9.32 -6.81 -24.48
CA ALA A 55 -8.79 -6.86 -23.12
C ALA A 55 -8.02 -8.15 -22.88
N ARG A 56 -8.54 -9.27 -23.39
CA ARG A 56 -7.85 -10.55 -23.25
C ARG A 56 -6.44 -10.47 -23.83
N GLN A 57 -6.29 -9.82 -24.99
CA GLN A 57 -4.97 -9.73 -25.60
C GLN A 57 -4.06 -8.83 -24.78
N GLN A 58 -4.62 -7.76 -24.19
CA GLN A 58 -3.82 -6.86 -23.36
C GLN A 58 -3.28 -7.58 -22.13
N VAL A 59 -4.11 -8.39 -21.48
CA VAL A 59 -3.63 -9.17 -20.34
C VAL A 59 -2.55 -10.14 -20.78
N ALA A 60 -2.76 -10.79 -21.92
CA ALA A 60 -1.82 -11.81 -22.39
C ALA A 60 -0.47 -11.20 -22.76
N SER A 61 -0.49 -10.01 -23.35
CA SER A 61 0.78 -9.38 -23.75
C SER A 61 1.66 -9.05 -22.56
N LEU A 62 1.05 -8.64 -21.44
CA LEU A 62 1.84 -8.25 -20.27
C LEU A 62 2.62 -9.43 -19.72
N ILE A 63 2.03 -10.63 -19.69
CA ILE A 63 2.67 -11.80 -19.11
C ILE A 63 3.24 -12.75 -20.16
N GLY A 64 3.21 -12.37 -21.44
CA GLY A 64 3.79 -13.20 -22.48
C GLY A 64 2.99 -14.44 -22.82
N ALA A 65 1.68 -14.40 -22.64
CA ALA A 65 0.83 -15.54 -22.90
C ALA A 65 0.13 -15.39 -24.25
N ASP A 66 -0.52 -16.47 -24.65
CA ASP A 66 -1.47 -16.45 -25.75
C ASP A 66 -2.84 -16.07 -25.23
N PRO A 67 -3.57 -15.18 -25.90
CA PRO A 67 -4.89 -14.77 -25.38
C PRO A 67 -5.82 -15.94 -25.11
N ARG A 68 -5.70 -17.04 -25.85
CA ARG A 68 -6.52 -18.21 -25.56
C ARG A 68 -6.27 -18.79 -24.18
N GLU A 69 -5.18 -18.40 -23.53
CA GLU A 69 -4.82 -18.90 -22.22
C GLU A 69 -5.27 -17.99 -21.08
N ILE A 70 -5.97 -16.91 -21.38
CA ILE A 70 -6.44 -15.95 -20.38
C ILE A 70 -7.93 -16.19 -20.14
N ILE A 71 -8.29 -16.46 -18.89
CA ILE A 71 -9.67 -16.62 -18.45
C ILE A 71 -10.00 -15.50 -17.48
N PHE A 72 -11.12 -14.82 -17.72
CA PHE A 72 -11.53 -13.74 -16.83
C PHE A 72 -12.24 -14.29 -15.61
N THR A 73 -11.98 -13.68 -14.44
CA THR A 73 -12.60 -14.09 -13.19
C THR A 73 -13.03 -12.83 -12.42
N SER A 74 -13.55 -13.05 -11.22
CA SER A 74 -13.99 -11.94 -10.38
C SER A 74 -12.88 -11.40 -9.48
N GLY A 75 -11.68 -11.99 -9.53
CA GLY A 75 -10.58 -11.54 -8.72
C GLY A 75 -9.55 -12.64 -8.59
N ALA A 76 -8.46 -12.31 -7.92
CA ALA A 76 -7.42 -13.31 -7.68
C ALA A 76 -7.87 -14.37 -6.69
N THR A 77 -8.84 -14.07 -5.82
CA THR A 77 -9.38 -15.09 -4.92
C THR A 77 -9.99 -16.23 -5.73
N GLU A 78 -10.84 -15.91 -6.71
CA GLU A 78 -11.47 -16.95 -7.50
C GLU A 78 -10.47 -17.67 -8.37
N SER A 79 -9.51 -16.94 -8.96
CA SER A 79 -8.46 -17.58 -9.75
C SER A 79 -7.70 -18.59 -8.90
N ASN A 80 -7.31 -18.20 -7.68
CA ASN A 80 -6.62 -19.11 -6.79
C ASN A 80 -7.47 -20.36 -6.54
N ASN A 81 -8.78 -20.19 -6.38
CA ASN A 81 -9.65 -21.35 -6.20
C ASN A 81 -9.70 -22.21 -7.46
N ILE A 82 -9.78 -21.58 -8.63
CA ILE A 82 -9.84 -22.32 -9.88
C ILE A 82 -8.56 -23.11 -10.09
N ALA A 83 -7.42 -22.48 -9.85
CA ALA A 83 -6.15 -23.17 -10.05
C ALA A 83 -5.98 -24.31 -9.06
N ILE A 84 -6.10 -24.02 -7.77
CA ILE A 84 -5.75 -25.00 -6.74
C ILE A 84 -6.81 -26.10 -6.65
N LYS A 85 -8.09 -25.72 -6.58
CA LYS A 85 -9.12 -26.74 -6.48
C LYS A 85 -9.38 -27.41 -7.82
N GLY A 86 -9.29 -26.65 -8.92
CA GLY A 86 -9.57 -27.23 -10.22
C GLY A 86 -8.54 -28.26 -10.66
N VAL A 87 -7.27 -28.01 -10.33
CA VAL A 87 -6.22 -28.96 -10.72
C VAL A 87 -6.28 -30.18 -9.81
N ALA A 88 -6.42 -29.97 -8.50
CA ALA A 88 -6.45 -31.09 -7.56
C ALA A 88 -7.61 -32.02 -7.84
N ARG A 89 -8.76 -31.46 -8.24
CA ARG A 89 -9.93 -32.30 -8.49
C ARG A 89 -9.85 -33.01 -9.84
N PHE A 90 -9.21 -32.40 -10.83
CA PHE A 90 -9.13 -33.05 -12.14
C PHE A 90 -8.27 -34.30 -12.09
N TYR A 91 -7.17 -34.27 -11.34
CA TYR A 91 -6.22 -35.38 -11.31
C TYR A 91 -6.37 -36.24 -10.06
N ARG A 92 -7.48 -36.09 -9.32
CA ARG A 92 -7.63 -36.77 -8.04
C ARG A 92 -7.55 -38.28 -8.18
N SER A 93 -7.89 -38.83 -9.34
CA SER A 93 -7.85 -40.28 -9.52
C SER A 93 -6.44 -40.82 -9.64
N ARG A 94 -5.43 -39.97 -9.74
CA ARG A 94 -4.05 -40.42 -9.89
C ARG A 94 -3.10 -39.67 -8.95
N LYS A 95 -3.45 -38.43 -8.61
CA LYS A 95 -2.61 -37.58 -7.77
C LYS A 95 -3.43 -36.99 -6.64
N LYS A 96 -2.87 -37.00 -5.44
CA LYS A 96 -3.58 -36.49 -4.27
C LYS A 96 -2.76 -35.54 -3.41
N HIS A 97 -1.54 -35.20 -3.80
CA HIS A 97 -0.64 -34.39 -2.99
C HIS A 97 -0.44 -33.02 -3.63
N LEU A 98 -0.55 -31.98 -2.81
CA LEU A 98 -0.32 -30.60 -3.23
C LEU A 98 0.74 -29.97 -2.35
N ILE A 99 1.44 -28.96 -2.88
CA ILE A 99 2.51 -28.27 -2.17
C ILE A 99 2.26 -26.77 -2.26
N THR A 100 2.39 -26.09 -1.12
CA THR A 100 2.34 -24.63 -1.07
C THR A 100 3.23 -24.16 0.08
N THR A 101 3.17 -22.87 0.40
CA THR A 101 4.01 -22.29 1.43
C THR A 101 3.18 -21.81 2.63
N GLN A 102 3.86 -21.61 3.74
CA GLN A 102 3.20 -21.15 4.95
C GLN A 102 2.85 -19.66 4.92
N THR A 103 3.38 -18.91 3.95
CA THR A 103 3.15 -17.47 3.86
C THR A 103 2.20 -17.07 2.74
N GLU A 104 1.48 -18.01 2.15
CA GLU A 104 0.57 -17.69 1.07
C GLU A 104 -0.59 -16.83 1.57
N HIS A 105 -1.26 -16.17 0.63
CA HIS A 105 -2.50 -15.46 0.92
C HIS A 105 -3.52 -16.42 1.54
N LYS A 106 -4.38 -15.87 2.41
CA LYS A 106 -5.32 -16.72 3.14
C LYS A 106 -6.26 -17.48 2.21
N CYS A 107 -6.52 -16.96 1.01
CA CYS A 107 -7.38 -17.68 0.08
C CYS A 107 -6.69 -18.93 -0.46
N VAL A 108 -5.37 -18.88 -0.66
CA VAL A 108 -4.65 -20.08 -1.06
C VAL A 108 -4.60 -21.08 0.08
N LEU A 109 -4.43 -20.60 1.31
CA LEU A 109 -4.31 -21.51 2.45
C LEU A 109 -5.65 -22.17 2.76
N ASP A 110 -6.74 -21.40 2.76
CA ASP A 110 -8.04 -21.99 3.08
C ASP A 110 -8.55 -22.90 1.97
N SER A 111 -8.24 -22.59 0.70
CA SER A 111 -8.51 -23.55 -0.36
C SER A 111 -7.78 -24.86 -0.12
N CYS A 112 -6.55 -24.78 0.40
CA CYS A 112 -5.78 -25.98 0.70
C CYS A 112 -6.36 -26.71 1.90
N ARG A 113 -6.73 -25.98 2.95
CA ARG A 113 -7.39 -26.62 4.09
C ARG A 113 -8.71 -27.26 3.67
N SER A 114 -9.41 -26.63 2.73
CA SER A 114 -10.62 -27.23 2.17
C SER A 114 -10.30 -28.55 1.49
N LEU A 115 -9.21 -28.59 0.72
CA LEU A 115 -8.84 -29.82 0.02
C LEU A 115 -8.32 -30.88 0.97
N GLU A 116 -7.70 -30.47 2.08
CA GLU A 116 -7.25 -31.42 3.08
C GLU A 116 -8.42 -32.20 3.68
N ALA A 117 -9.56 -31.53 3.87
CA ALA A 117 -10.75 -32.20 4.37
C ALA A 117 -11.45 -33.03 3.30
N GLU A 118 -11.17 -32.78 2.03
CA GLU A 118 -11.67 -33.60 0.93
C GLU A 118 -10.84 -34.85 0.70
N GLY A 119 -9.79 -35.05 1.48
CA GLY A 119 -8.95 -36.23 1.36
C GLY A 119 -7.61 -36.02 0.69
N PHE A 120 -7.22 -34.77 0.43
CA PHE A 120 -5.93 -34.48 -0.18
C PHE A 120 -4.86 -34.29 0.90
N GLN A 121 -3.62 -34.54 0.50
CA GLN A 121 -2.46 -34.33 1.39
C GLN A 121 -1.79 -33.05 0.94
N VAL A 122 -1.63 -32.09 1.85
CA VAL A 122 -1.06 -30.79 1.55
C VAL A 122 0.20 -30.61 2.38
N THR A 123 1.31 -30.27 1.74
CA THR A 123 2.54 -29.89 2.41
C THR A 123 2.64 -28.37 2.41
N TYR A 124 2.58 -27.76 3.59
CA TYR A 124 2.75 -26.32 3.74
C TYR A 124 4.23 -26.07 4.00
N LEU A 125 4.95 -25.68 2.97
CA LEU A 125 6.39 -25.51 3.08
C LEU A 125 6.72 -24.34 4.01
N PRO A 126 7.74 -24.47 4.83
CA PRO A 126 8.22 -23.31 5.60
C PRO A 126 9.06 -22.39 4.73
N VAL A 127 9.27 -21.17 5.23
CA VAL A 127 10.19 -20.23 4.62
C VAL A 127 11.35 -20.03 5.57
N GLN A 128 12.44 -19.50 5.03
CA GLN A 128 13.57 -19.12 5.87
C GLN A 128 13.28 -17.78 6.56
N LYS A 129 14.21 -17.33 7.39
CA LYS A 129 14.05 -16.05 8.07
C LYS A 129 13.86 -14.91 7.07
N SER A 130 14.44 -15.05 5.88
CA SER A 130 14.29 -14.07 4.82
C SER A 130 12.87 -14.01 4.27
N GLY A 131 12.06 -15.03 4.51
CA GLY A 131 10.75 -15.14 3.90
C GLY A 131 10.76 -15.91 2.59
N ILE A 132 11.91 -16.36 2.13
CA ILE A 132 12.05 -17.07 0.87
C ILE A 132 12.09 -18.57 1.15
N ILE A 133 11.41 -19.34 0.32
CA ILE A 133 11.47 -20.80 0.44
C ILE A 133 12.87 -21.29 0.11
N ASP A 134 13.18 -22.50 0.58
CA ASP A 134 14.40 -23.18 0.22
C ASP A 134 14.10 -24.08 -0.97
N LEU A 135 14.72 -23.77 -2.12
CA LEU A 135 14.45 -24.52 -3.35
C LEU A 135 14.69 -26.00 -3.17
N LYS A 136 15.69 -26.38 -2.37
CA LYS A 136 16.02 -27.79 -2.21
C LYS A 136 15.02 -28.51 -1.33
N GLU A 137 14.39 -27.80 -0.39
CA GLU A 137 13.30 -28.41 0.37
C GLU A 137 12.09 -28.64 -0.52
N LEU A 138 11.85 -27.74 -1.48
CA LEU A 138 10.74 -27.95 -2.41
C LEU A 138 10.97 -29.20 -3.26
N GLU A 139 12.19 -29.40 -3.75
CA GLU A 139 12.49 -30.59 -4.54
C GLU A 139 12.27 -31.86 -3.73
N ALA A 140 12.73 -31.87 -2.48
CA ALA A 140 12.60 -33.06 -1.65
C ALA A 140 11.14 -33.33 -1.29
N ALA A 141 10.30 -32.30 -1.26
CA ALA A 141 8.90 -32.45 -0.90
C ALA A 141 8.07 -33.08 -2.01
N ILE A 142 8.53 -32.99 -3.26
CA ILE A 142 7.74 -33.46 -4.39
C ILE A 142 7.67 -34.98 -4.36
N GLN A 143 6.45 -35.52 -4.33
CA GLN A 143 6.17 -36.94 -4.26
C GLN A 143 5.70 -37.46 -5.61
N PRO A 144 5.70 -38.78 -5.83
CA PRO A 144 5.23 -39.31 -7.11
C PRO A 144 3.79 -38.94 -7.41
N ASP A 145 2.96 -38.71 -6.39
CA ASP A 145 1.58 -38.31 -6.60
C ASP A 145 1.34 -36.82 -6.35
N THR A 146 2.38 -35.99 -6.49
CA THR A 146 2.23 -34.55 -6.32
C THR A 146 1.56 -33.96 -7.56
N SER A 147 0.43 -33.28 -7.36
CA SER A 147 -0.36 -32.78 -8.47
C SER A 147 -0.01 -31.34 -8.82
N LEU A 148 0.28 -30.50 -7.82
CA LEU A 148 0.41 -29.07 -8.04
C LEU A 148 1.33 -28.45 -6.99
N VAL A 149 2.12 -27.45 -7.42
CA VAL A 149 2.90 -26.60 -6.53
C VAL A 149 2.41 -25.17 -6.74
N SER A 150 2.14 -24.46 -5.63
CA SER A 150 1.62 -23.09 -5.68
C SER A 150 2.43 -22.18 -4.77
N VAL A 151 3.15 -21.21 -5.35
CA VAL A 151 3.98 -20.27 -4.61
C VAL A 151 3.75 -18.87 -5.16
N MET A 152 3.41 -17.91 -4.29
CA MET A 152 3.08 -16.57 -4.77
C MET A 152 4.34 -15.87 -5.28
N THR A 153 4.15 -14.96 -6.23
CA THR A 153 5.29 -14.25 -6.80
C THR A 153 5.84 -13.18 -5.85
N VAL A 154 4.94 -12.35 -5.30
CA VAL A 154 5.31 -11.30 -4.34
C VAL A 154 4.37 -11.42 -3.15
N ASN A 155 4.92 -11.38 -1.94
CA ASN A 155 4.11 -11.53 -0.74
C ASN A 155 3.38 -10.23 -0.42
N ASN A 156 2.09 -10.34 -0.12
CA ASN A 156 1.25 -9.17 0.12
C ASN A 156 1.59 -8.46 1.43
N GLU A 157 2.23 -9.13 2.37
CA GLU A 157 2.49 -8.57 3.69
C GLU A 157 3.89 -7.96 3.81
N ILE A 158 4.92 -8.66 3.34
CA ILE A 158 6.31 -8.21 3.48
C ILE A 158 6.99 -7.95 2.15
N GLY A 159 6.32 -8.23 1.03
CA GLY A 159 6.86 -7.88 -0.29
C GLY A 159 8.01 -8.72 -0.81
N VAL A 160 8.35 -9.85 -0.17
CA VAL A 160 9.49 -10.63 -0.64
C VAL A 160 9.12 -11.33 -1.95
N LYS A 161 10.13 -11.53 -2.80
CA LYS A 161 9.97 -12.17 -4.10
C LYS A 161 10.46 -13.60 -4.02
N GLN A 162 9.57 -14.56 -4.33
CA GLN A 162 9.99 -15.94 -4.39
C GLN A 162 10.67 -16.24 -5.73
N PRO A 163 11.59 -17.22 -5.76
CA PRO A 163 12.28 -17.53 -7.03
C PRO A 163 11.40 -18.30 -8.01
N ILE A 164 10.52 -17.57 -8.70
CA ILE A 164 9.48 -18.19 -9.53
C ILE A 164 10.11 -19.01 -10.66
N ALA A 165 11.04 -18.40 -11.41
CA ALA A 165 11.64 -19.10 -12.54
C ALA A 165 12.35 -20.38 -12.11
N GLU A 166 13.04 -20.35 -10.96
CA GLU A 166 13.71 -21.55 -10.46
C GLU A 166 12.71 -22.59 -9.99
N ILE A 167 11.57 -22.17 -9.43
CA ILE A 167 10.53 -23.12 -9.07
C ILE A 167 9.95 -23.75 -10.33
N GLY A 168 9.78 -22.96 -11.39
CA GLY A 168 9.30 -23.50 -12.65
C GLY A 168 10.18 -24.60 -13.19
N ARG A 169 11.51 -24.43 -13.11
CA ARG A 169 12.43 -25.45 -13.62
C ARG A 169 12.29 -26.75 -12.82
N ILE A 170 12.09 -26.64 -11.50
CA ILE A 170 11.89 -27.82 -10.68
C ILE A 170 10.60 -28.53 -11.08
N CYS A 171 9.50 -27.78 -11.18
CA CYS A 171 8.21 -28.37 -11.50
C CYS A 171 8.18 -28.91 -12.93
N SER A 172 8.71 -28.14 -13.88
CA SER A 172 8.70 -28.57 -15.27
C SER A 172 9.43 -29.89 -15.44
N SER A 173 10.62 -29.99 -14.85
CA SER A 173 11.45 -31.18 -15.01
C SER A 173 10.92 -32.39 -14.26
N ARG A 174 9.85 -32.24 -13.48
CA ARG A 174 9.23 -33.36 -12.78
C ARG A 174 7.79 -33.60 -13.22
N LYS A 175 7.31 -32.85 -14.21
CA LYS A 175 5.94 -32.96 -14.70
C LYS A 175 4.95 -32.73 -13.56
N VAL A 176 5.18 -31.66 -12.81
CA VAL A 176 4.26 -31.16 -11.81
C VAL A 176 3.78 -29.80 -12.28
N TYR A 177 2.48 -29.52 -12.10
CA TYR A 177 1.94 -28.22 -12.46
C TYR A 177 2.39 -27.16 -11.46
N PHE A 178 2.72 -25.98 -11.98
CA PHE A 178 3.21 -24.87 -11.17
C PHE A 178 2.25 -23.70 -11.29
N HIS A 179 1.64 -23.31 -10.18
CA HIS A 179 0.77 -22.14 -10.12
C HIS A 179 1.42 -21.07 -9.24
N THR A 180 1.37 -19.82 -9.67
CA THR A 180 1.83 -18.71 -8.86
C THR A 180 0.73 -17.69 -8.70
N ASP A 181 0.47 -17.27 -7.46
CA ASP A 181 -0.40 -16.14 -7.16
C ASP A 181 0.42 -14.88 -7.38
N ALA A 182 0.19 -14.22 -8.52
CA ALA A 182 0.96 -13.04 -8.91
C ALA A 182 0.18 -11.75 -8.67
N ALA A 183 -0.83 -11.78 -7.79
CA ALA A 183 -1.68 -10.61 -7.58
C ALA A 183 -0.86 -9.36 -7.25
N GLN A 184 0.13 -9.50 -6.37
CA GLN A 184 0.95 -8.36 -5.96
C GLN A 184 2.14 -8.11 -6.89
N ALA A 185 2.25 -8.85 -8.00
CA ALA A 185 3.40 -8.73 -8.89
C ALA A 185 3.08 -8.27 -10.31
N VAL A 186 1.89 -8.59 -10.82
CA VAL A 186 1.55 -8.26 -12.21
C VAL A 186 1.70 -6.77 -12.45
N GLY A 187 2.45 -6.40 -13.49
CA GLY A 187 2.63 -5.01 -13.82
C GLY A 187 3.65 -4.27 -12.99
N LYS A 188 4.19 -4.89 -11.94
CA LYS A 188 5.21 -4.29 -11.10
C LYS A 188 6.60 -4.87 -11.32
N ILE A 189 6.69 -6.17 -11.55
CA ILE A 189 7.96 -6.81 -11.89
C ILE A 189 7.76 -7.62 -13.17
N PRO A 190 8.83 -7.87 -13.92
CA PRO A 190 8.71 -8.64 -15.16
C PRO A 190 8.11 -10.02 -14.93
N LEU A 191 7.16 -10.40 -15.79
CA LEU A 191 6.55 -11.72 -15.77
C LEU A 191 6.49 -12.27 -17.18
N ASP A 192 7.02 -13.48 -17.35
CA ASP A 192 6.92 -14.20 -18.62
C ASP A 192 6.61 -15.66 -18.32
N VAL A 193 5.46 -16.13 -18.77
CA VAL A 193 5.03 -17.48 -18.40
C VAL A 193 6.00 -18.52 -18.95
N ASN A 194 6.52 -18.32 -20.15
CA ASN A 194 7.45 -19.29 -20.75
C ASN A 194 8.82 -19.27 -20.06
N ASP A 195 9.40 -18.08 -19.90
CA ASP A 195 10.72 -18.00 -19.28
C ASP A 195 10.68 -18.52 -17.85
N MET A 196 9.59 -18.26 -17.15
CA MET A 196 9.42 -18.69 -15.77
C MET A 196 8.80 -20.08 -15.64
N LYS A 197 8.37 -20.68 -16.75
CA LYS A 197 7.79 -22.02 -16.76
C LYS A 197 6.58 -22.09 -15.82
N ILE A 198 5.69 -21.11 -15.97
CA ILE A 198 4.47 -21.04 -15.18
C ILE A 198 3.37 -21.78 -15.91
N ASP A 199 2.62 -22.61 -15.19
CA ASP A 199 1.46 -23.29 -15.75
C ASP A 199 0.15 -22.58 -15.46
N LEU A 200 0.03 -21.93 -14.30
CA LEU A 200 -1.15 -21.19 -13.92
C LEU A 200 -0.71 -19.94 -13.14
N MET A 201 -1.48 -18.86 -13.30
CA MET A 201 -1.17 -17.60 -12.64
C MET A 201 -2.47 -16.89 -12.28
N SER A 202 -2.53 -16.33 -11.08
CA SER A 202 -3.67 -15.54 -10.64
C SER A 202 -3.37 -14.06 -10.77
N ILE A 203 -4.37 -13.29 -11.23
CA ILE A 203 -4.23 -11.87 -11.48
C ILE A 203 -5.42 -11.15 -10.86
N SER A 204 -5.16 -10.05 -10.15
CA SER A 204 -6.20 -9.21 -9.56
C SER A 204 -6.16 -7.82 -10.18
N GLY A 205 -7.34 -7.32 -10.58
CA GLY A 205 -7.39 -6.02 -11.23
C GLY A 205 -7.13 -4.86 -10.30
N HIS A 206 -7.65 -4.91 -9.07
CA HIS A 206 -7.56 -3.75 -8.19
C HIS A 206 -6.23 -3.65 -7.45
N LYS A 207 -5.32 -4.60 -7.64
CA LYS A 207 -3.94 -4.43 -7.18
C LYS A 207 -3.07 -3.72 -8.21
N ILE A 208 -3.60 -3.44 -9.40
CA ILE A 208 -2.81 -2.84 -10.48
C ILE A 208 -3.55 -1.64 -11.07
N TYR A 209 -4.29 -0.92 -10.23
CA TYR A 209 -4.96 0.32 -10.61
C TYR A 209 -6.10 0.10 -11.59
N GLY A 210 -6.61 -1.12 -11.66
CA GLY A 210 -7.85 -1.40 -12.36
C GLY A 210 -9.00 -1.53 -11.39
N PRO A 211 -10.20 -1.84 -11.89
CA PRO A 211 -11.38 -1.88 -11.03
C PRO A 211 -11.40 -3.10 -10.12
N LYS A 212 -12.06 -2.94 -8.98
CA LYS A 212 -12.35 -4.06 -8.10
C LYS A 212 -13.40 -4.98 -8.74
N GLY A 213 -13.36 -6.25 -8.36
CA GLY A 213 -14.34 -7.20 -8.85
C GLY A 213 -13.99 -7.90 -10.14
N VAL A 214 -12.72 -7.87 -10.54
CA VAL A 214 -12.30 -8.51 -11.77
C VAL A 214 -10.88 -9.05 -11.58
N GLY A 215 -10.60 -10.17 -12.24
CA GLY A 215 -9.26 -10.71 -12.27
C GLY A 215 -9.15 -11.64 -13.45
N ALA A 216 -8.07 -12.42 -13.46
CA ALA A 216 -7.87 -13.40 -14.51
C ALA A 216 -7.07 -14.57 -13.97
N ILE A 217 -7.18 -15.70 -14.64
CA ILE A 217 -6.28 -16.84 -14.43
C ILE A 217 -5.67 -17.20 -15.77
N TYR A 218 -4.35 -17.22 -15.83
CA TYR A 218 -3.63 -17.83 -16.94
C TYR A 218 -3.63 -19.34 -16.76
N ILE A 219 -4.02 -20.06 -17.82
CA ILE A 219 -3.96 -21.52 -17.82
C ILE A 219 -3.20 -21.94 -19.08
N ARG A 220 -2.06 -22.59 -18.90
CA ARG A 220 -1.21 -22.95 -20.03
C ARG A 220 -1.92 -23.96 -20.94
N ARG A 221 -1.76 -23.78 -22.25
CA ARG A 221 -2.35 -24.66 -23.23
C ARG A 221 -1.36 -25.60 -23.91
N ARG A 222 -0.06 -25.27 -23.89
CA ARG A 222 0.96 -26.16 -24.44
C ARG A 222 2.19 -26.19 -23.52
N PRO A 223 2.42 -27.29 -22.78
CA PRO A 223 1.57 -28.48 -22.75
C PRO A 223 0.27 -28.22 -22.00
N ARG A 224 -0.82 -28.85 -22.45
CA ARG A 224 -2.15 -28.52 -21.94
C ARG A 224 -2.24 -28.80 -20.44
N VAL A 225 -2.64 -27.79 -19.69
CA VAL A 225 -2.96 -27.93 -18.28
C VAL A 225 -4.47 -28.06 -18.16
N ARG A 226 -4.93 -29.10 -17.46
CA ARG A 226 -6.35 -29.37 -17.32
C ARG A 226 -6.83 -28.91 -15.95
N VAL A 227 -8.02 -28.33 -15.92
CA VAL A 227 -8.61 -27.80 -14.70
C VAL A 227 -10.08 -28.20 -14.66
N GLU A 228 -10.53 -28.67 -13.50
CA GLU A 228 -11.94 -28.93 -13.27
C GLU A 228 -12.63 -27.61 -12.95
N ALA A 229 -13.65 -27.25 -13.74
CA ALA A 229 -14.38 -26.02 -13.51
C ALA A 229 -15.16 -26.10 -12.20
N LEU A 230 -15.23 -24.97 -11.49
CA LEU A 230 -15.98 -24.90 -10.24
C LEU A 230 -17.32 -24.18 -10.39
N GLN A 231 -17.40 -23.19 -11.28
CA GLN A 231 -18.62 -22.42 -11.50
C GLN A 231 -19.33 -22.97 -12.73
N SER A 232 -20.41 -23.73 -12.50
CA SER A 232 -21.19 -24.28 -13.59
C SER A 232 -22.13 -23.22 -14.18
N GLY A 233 -22.44 -23.37 -15.46
CA GLY A 233 -23.28 -22.40 -16.14
C GLY A 233 -23.27 -22.62 -17.64
N GLY A 234 -23.56 -21.54 -18.37
CA GLY A 234 -23.69 -21.58 -19.81
C GLY A 234 -22.42 -21.91 -20.59
N GLY A 235 -21.30 -22.14 -19.93
CA GLY A 235 -20.07 -22.50 -20.61
C GLY A 235 -19.24 -21.34 -21.10
N GLN A 236 -19.45 -20.14 -20.55
CA GLN A 236 -18.67 -18.98 -20.94
C GLN A 236 -17.20 -19.18 -20.53
N GLU A 237 -16.32 -18.44 -21.20
CA GLU A 237 -14.88 -18.54 -20.99
C GLU A 237 -14.40 -19.98 -21.17
N ARG A 238 -14.74 -20.56 -22.33
CA ARG A 238 -14.31 -21.92 -22.72
C ARG A 238 -14.71 -22.96 -21.68
N GLY A 239 -15.86 -22.78 -21.04
CA GLY A 239 -16.32 -23.71 -20.02
C GLY A 239 -15.53 -23.73 -18.74
N MET A 240 -14.53 -22.85 -18.59
CA MET A 240 -13.71 -22.85 -17.38
CA MET A 240 -13.69 -22.84 -17.39
C MET A 240 -14.16 -21.85 -16.33
N ARG A 241 -15.02 -20.89 -16.69
CA ARG A 241 -15.55 -19.93 -15.71
C ARG A 241 -16.87 -19.40 -16.29
N SER A 242 -17.95 -20.05 -15.90
CA SER A 242 -19.27 -19.69 -16.41
C SER A 242 -19.78 -18.43 -15.73
N GLY A 243 -20.77 -17.81 -16.37
CA GLY A 243 -21.30 -16.55 -15.92
C GLY A 243 -21.08 -15.47 -16.96
N THR A 244 -21.79 -14.35 -16.81
CA THR A 244 -21.67 -13.26 -17.78
C THR A 244 -20.34 -12.55 -17.57
N VAL A 245 -19.54 -12.48 -18.62
CA VAL A 245 -18.27 -11.75 -18.54
C VAL A 245 -18.59 -10.26 -18.43
N PRO A 246 -18.19 -9.61 -17.33
CA PRO A 246 -18.53 -8.18 -17.17
C PRO A 246 -17.65 -7.30 -18.02
N THR A 247 -18.14 -6.95 -19.21
CA THR A 247 -17.35 -6.18 -20.18
C THR A 247 -16.69 -4.94 -19.60
N PRO A 248 -17.40 -4.03 -18.90
CA PRO A 248 -16.68 -2.85 -18.35
C PRO A 248 -15.53 -3.22 -17.44
N LEU A 249 -15.69 -4.26 -16.62
CA LEU A 249 -14.64 -4.63 -15.68
C LEU A 249 -13.44 -5.25 -16.38
N VAL A 250 -13.68 -6.09 -17.39
CA VAL A 250 -12.55 -6.72 -18.07
C VAL A 250 -11.86 -5.72 -18.97
N VAL A 251 -12.60 -4.75 -19.52
CA VAL A 251 -11.98 -3.67 -20.27
C VAL A 251 -11.03 -2.89 -19.36
N GLY A 252 -11.44 -2.66 -18.12
CA GLY A 252 -10.56 -1.97 -17.19
C GLY A 252 -9.33 -2.78 -16.85
N LEU A 253 -9.49 -4.10 -16.68
CA LEU A 253 -8.35 -4.96 -16.40
C LEU A 253 -7.34 -4.92 -17.53
N GLY A 254 -7.82 -5.02 -18.78
CA GLY A 254 -6.91 -4.96 -19.91
C GLY A 254 -6.20 -3.62 -20.00
N ALA A 255 -6.95 -2.53 -19.84
CA ALA A 255 -6.34 -1.20 -19.84
C ALA A 255 -5.29 -1.07 -18.73
N ALA A 256 -5.60 -1.58 -17.53
CA ALA A 256 -4.63 -1.55 -16.44
C ALA A 256 -3.38 -2.36 -16.79
N CYS A 257 -3.57 -3.49 -17.47
CA CYS A 257 -2.42 -4.30 -17.86
C CYS A 257 -1.59 -3.61 -18.93
N GLU A 258 -2.23 -2.91 -19.87
CA GLU A 258 -1.48 -2.20 -20.89
C GLU A 258 -0.74 -1.01 -20.32
N VAL A 259 -1.40 -0.23 -19.44
CA VAL A 259 -0.71 0.86 -18.77
C VAL A 259 0.46 0.33 -17.95
N ALA A 260 0.25 -0.76 -17.21
CA ALA A 260 1.32 -1.31 -16.38
C ALA A 260 2.48 -1.78 -17.23
N GLN A 261 2.20 -2.42 -18.37
CA GLN A 261 3.28 -2.83 -19.28
C GLN A 261 4.09 -1.63 -19.75
N GLN A 262 3.45 -0.47 -19.93
CA GLN A 262 4.17 0.71 -20.39
C GLN A 262 4.86 1.45 -19.24
N GLU A 263 4.32 1.36 -18.02
CA GLU A 263 4.80 2.16 -16.91
C GLU A 263 5.65 1.39 -15.91
N MET A 264 5.81 0.08 -16.08
CA MET A 264 6.40 -0.71 -14.99
C MET A 264 7.83 -0.31 -14.72
N GLU A 265 8.61 -0.06 -15.78
CA GLU A 265 10.01 0.34 -15.61
C GLU A 265 10.11 1.68 -14.90
N TYR A 266 9.37 2.69 -15.40
CA TYR A 266 9.37 4.01 -14.76
C TYR A 266 8.88 3.92 -13.31
N ASP A 267 7.82 3.15 -13.07
CA ASP A 267 7.30 3.03 -11.70
C ASP A 267 8.33 2.40 -10.78
N HIS A 268 9.05 1.38 -11.27
CA HIS A 268 9.99 0.68 -10.42
C HIS A 268 11.14 1.59 -9.99
N LYS A 269 11.64 2.40 -10.93
CA LYS A 269 12.71 3.35 -10.59
C LYS A 269 12.23 4.36 -9.55
N ARG A 270 11.04 4.92 -9.76
CA ARG A 270 10.52 5.93 -8.85
CA ARG A 270 10.54 5.94 -8.85
C ARG A 270 10.19 5.33 -7.48
N ILE A 271 9.53 4.17 -7.48
CA ILE A 271 9.13 3.56 -6.21
C ILE A 271 10.34 3.07 -5.42
N SER A 272 11.32 2.47 -6.09
CA SER A 272 12.55 2.04 -5.41
C SER A 272 13.21 3.21 -4.70
N LYS A 273 13.39 4.33 -5.40
CA LYS A 273 14.00 5.51 -4.78
C LYS A 273 13.18 6.00 -3.60
N LEU A 274 11.85 5.99 -3.73
CA LEU A 274 11.00 6.40 -2.61
C LEU A 274 11.06 5.40 -1.47
N SER A 275 11.17 4.11 -1.80
CA SER A 275 11.23 3.08 -0.77
C SER A 275 12.52 3.15 0.02
N GLU A 276 13.64 3.34 -0.67
CA GLU A 276 14.95 3.49 0.02
C GLU A 276 14.88 4.71 0.94
N ARG A 277 14.21 5.77 0.50
CA ARG A 277 14.15 6.98 1.31
C ARG A 277 13.32 6.77 2.57
N LEU A 278 12.21 6.05 2.47
CA LEU A 278 11.38 5.79 3.64
C LEU A 278 12.10 4.91 4.64
N ILE A 279 12.76 3.84 4.17
CA ILE A 279 13.42 2.93 5.09
C ILE A 279 14.62 3.60 5.76
N GLN A 280 15.43 4.32 4.97
CA GLN A 280 16.67 4.87 5.51
C GLN A 280 16.41 6.01 6.48
N ASN A 281 15.41 6.85 6.20
CA ASN A 281 15.16 7.99 7.08
C ASN A 281 14.47 7.59 8.37
N ILE A 282 13.72 6.49 8.36
CA ILE A 282 13.14 5.98 9.59
C ILE A 282 14.23 5.35 10.46
N MET A 283 15.03 4.46 9.86
CA MET A 283 16.00 3.70 10.64
C MET A 283 17.15 4.58 11.14
N LYS A 284 17.51 5.62 10.41
CA LYS A 284 18.56 6.52 10.88
C LYS A 284 18.08 7.41 12.02
N SER A 285 16.78 7.49 12.28
CA SER A 285 16.26 8.32 13.35
C SER A 285 15.59 7.55 14.48
N LEU A 286 15.41 6.23 14.36
CA LEU A 286 14.76 5.44 15.38
C LEU A 286 15.60 4.20 15.68
N PRO A 287 15.91 3.91 16.93
CA PRO A 287 16.55 2.63 17.26
C PRO A 287 15.53 1.50 17.30
N ASP A 288 16.04 0.28 17.17
CA ASP A 288 15.25 -0.95 17.30
C ASP A 288 14.14 -1.02 16.25
N VAL A 289 14.46 -0.64 15.02
CA VAL A 289 13.57 -0.80 13.87
C VAL A 289 14.14 -1.90 12.98
N VAL A 290 13.33 -2.90 12.68
CA VAL A 290 13.73 -4.07 11.90
C VAL A 290 12.80 -4.19 10.70
N MET A 291 13.36 -4.47 9.53
CA MET A 291 12.56 -4.73 8.35
C MET A 291 12.32 -6.22 8.24
N ASN A 292 11.08 -6.60 7.99
CA ASN A 292 10.67 -7.99 7.88
C ASN A 292 10.77 -8.41 6.41
N GLY A 293 11.69 -9.31 6.12
CA GLY A 293 11.91 -9.78 4.76
C GLY A 293 13.25 -9.32 4.23
N ASP A 294 13.87 -10.19 3.42
CA ASP A 294 15.21 -9.93 2.89
C ASP A 294 15.15 -8.83 1.84
N PRO A 295 15.86 -7.72 2.02
CA PRO A 295 15.87 -6.67 0.98
C PRO A 295 16.55 -7.08 -0.32
N LYS A 296 17.30 -8.19 -0.33
CA LYS A 296 17.92 -8.65 -1.57
C LYS A 296 16.92 -9.27 -2.53
N HIS A 297 15.72 -9.65 -2.05
CA HIS A 297 14.70 -10.30 -2.88
C HIS A 297 13.33 -9.74 -2.50
N HIS A 298 13.09 -8.49 -2.90
CA HIS A 298 12.02 -7.70 -2.29
C HIS A 298 11.46 -6.72 -3.30
N TYR A 299 10.14 -6.63 -3.36
CA TYR A 299 9.52 -5.57 -4.15
C TYR A 299 9.48 -4.29 -3.32
N PRO A 300 10.10 -3.19 -3.79
CA PRO A 300 10.26 -2.01 -2.92
C PRO A 300 8.96 -1.36 -2.46
N GLY A 301 7.84 -1.58 -3.14
CA GLY A 301 6.62 -0.90 -2.78
C GLY A 301 5.90 -1.45 -1.57
N CYS A 302 6.34 -2.59 -1.05
CA CYS A 302 5.76 -3.20 0.15
C CYS A 302 6.85 -3.22 1.23
N ILE A 303 6.76 -2.32 2.19
CA ILE A 303 7.75 -2.20 3.26
C ILE A 303 7.08 -2.57 4.58
N ASN A 304 7.61 -3.59 5.24
CA ASN A 304 7.07 -4.06 6.51
C ASN A 304 8.15 -3.89 7.57
N LEU A 305 7.91 -2.97 8.52
CA LEU A 305 8.86 -2.69 9.59
C LEU A 305 8.24 -2.97 10.94
N SER A 306 9.07 -3.43 11.88
CA SER A 306 8.68 -3.59 13.27
C SER A 306 9.34 -2.48 14.11
N PHE A 307 8.59 -1.98 15.08
CA PHE A 307 9.06 -0.93 15.99
C PHE A 307 8.96 -1.50 17.40
N ALA A 308 10.09 -1.97 17.92
CA ALA A 308 10.10 -2.66 19.21
C ALA A 308 9.50 -1.78 20.30
N TYR A 309 8.81 -2.43 21.24
CA TYR A 309 8.22 -1.84 22.44
C TYR A 309 7.03 -0.94 22.15
N VAL A 310 6.50 -0.98 20.94
CA VAL A 310 5.30 -0.24 20.55
C VAL A 310 4.36 -1.19 19.86
N GLU A 311 3.10 -1.24 20.31
CA GLU A 311 2.09 -2.06 19.67
C GLU A 311 1.61 -1.41 18.37
N GLY A 312 1.44 -2.24 17.32
CA GLY A 312 1.22 -1.71 15.98
C GLY A 312 -0.09 -0.96 15.83
N GLU A 313 -1.19 -1.49 16.36
CA GLU A 313 -2.47 -0.81 16.23
C GLU A 313 -2.44 0.58 16.86
N SER A 314 -1.76 0.73 17.99
CA SER A 314 -1.64 2.06 18.59
C SER A 314 -0.82 2.98 17.70
N LEU A 315 0.23 2.45 17.05
CA LEU A 315 1.00 3.27 16.12
C LEU A 315 0.12 3.72 14.95
N LEU A 316 -0.68 2.80 14.39
CA LEU A 316 -1.61 3.15 13.32
C LEU A 316 -2.60 4.21 13.78
N MET A 317 -3.13 4.07 14.99
CA MET A 317 -4.00 5.09 15.56
C MET A 317 -3.26 6.42 15.70
N ALA A 318 -2.02 6.37 16.20
CA ALA A 318 -1.23 7.59 16.36
C ALA A 318 -0.99 8.29 15.04
N LEU A 319 -0.84 7.52 13.95
CA LEU A 319 -0.69 8.08 12.62
C LEU A 319 -2.07 8.30 12.02
N LYS A 320 -2.79 9.24 12.62
CA LYS A 320 -4.21 9.42 12.32
C LYS A 320 -4.46 9.95 10.91
N ASP A 321 -3.43 10.50 10.26
CA ASP A 321 -3.60 11.08 8.94
C ASP A 321 -2.87 10.30 7.85
N VAL A 322 -2.46 9.06 8.13
CA VAL A 322 -1.86 8.18 7.13
C VAL A 322 -2.62 6.87 7.13
N ALA A 323 -3.05 6.43 5.94
CA ALA A 323 -3.75 5.16 5.77
C ALA A 323 -2.73 4.05 5.58
N LEU A 324 -2.67 3.12 6.53
CA LEU A 324 -1.68 2.05 6.54
C LEU A 324 -2.38 0.77 6.96
N SER A 325 -1.58 -0.23 7.34
CA SER A 325 -2.11 -1.46 7.92
C SER A 325 -1.03 -2.13 8.74
N SER A 326 -1.44 -3.12 9.52
CA SER A 326 -0.52 -3.89 10.35
C SER A 326 -1.02 -5.31 10.45
N GLY A 327 -0.12 -6.28 10.26
CA GLY A 327 -0.47 -7.69 10.28
C GLY A 327 -1.61 -8.02 9.34
N SER A 328 -1.65 -7.34 8.20
CA SER A 328 -2.81 -7.34 7.32
C SER A 328 -2.73 -8.46 6.29
N ALA A 329 -3.90 -8.95 5.89
CA ALA A 329 -4.02 -9.91 4.79
C ALA A 329 -4.51 -9.19 3.55
N CYS A 330 -3.62 -8.36 3.00
CA CYS A 330 -3.92 -7.44 1.89
C CYS A 330 -5.14 -6.58 2.20
N PRO A 337 -3.13 -12.83 15.06
CA PRO A 337 -1.81 -12.27 14.73
C PRO A 337 -1.36 -12.62 13.30
N SER A 338 -0.12 -12.28 12.98
CA SER A 338 0.41 -12.43 11.63
C SER A 338 1.07 -13.80 11.47
N TYR A 339 0.43 -14.68 10.71
CA TYR A 339 1.05 -15.97 10.42
C TYR A 339 2.27 -15.82 9.51
N VAL A 340 2.29 -14.78 8.67
CA VAL A 340 3.47 -14.52 7.85
C VAL A 340 4.66 -14.17 8.73
N LEU A 341 4.47 -13.24 9.67
CA LEU A 341 5.56 -12.86 10.57
C LEU A 341 5.98 -14.03 11.45
N ARG A 342 5.03 -14.82 11.93
CA ARG A 342 5.38 -16.01 12.68
C ARG A 342 6.20 -16.98 11.82
N ALA A 343 5.89 -17.04 10.52
CA ALA A 343 6.55 -18.01 9.65
C ALA A 343 8.00 -17.65 9.36
N ILE A 344 8.35 -16.36 9.39
CA ILE A 344 9.74 -15.96 9.18
C ILE A 344 10.46 -15.88 10.52
N GLY A 345 9.88 -16.50 11.54
CA GLY A 345 10.54 -16.60 12.83
C GLY A 345 10.59 -15.34 13.65
N THR A 346 9.70 -14.37 13.37
CA THR A 346 9.63 -13.17 14.18
C THR A 346 9.16 -13.50 15.59
N ASP A 347 9.76 -12.85 16.58
CA ASP A 347 9.27 -12.96 17.95
C ASP A 347 7.81 -12.52 18.02
N GLU A 348 7.05 -13.16 18.92
CA GLU A 348 5.62 -12.87 19.01
C GLU A 348 5.38 -11.42 19.41
N ASP A 349 6.14 -10.90 20.38
CA ASP A 349 6.01 -9.50 20.76
C ASP A 349 6.32 -8.57 19.60
N LEU A 350 7.40 -8.86 18.85
CA LEU A 350 7.74 -8.04 17.70
C LEU A 350 6.73 -8.15 16.58
N ALA A 351 5.97 -9.25 16.52
CA ALA A 351 4.94 -9.38 15.50
C ALA A 351 3.77 -8.43 15.77
N HIS A 352 3.50 -8.14 17.04
CA HIS A 352 2.51 -7.13 17.40
C HIS A 352 3.00 -5.71 17.14
N SER A 353 4.24 -5.53 16.70
CA SER A 353 4.85 -4.21 16.55
C SER A 353 5.14 -3.88 15.09
N SER A 354 4.49 -4.55 14.15
CA SER A 354 4.84 -4.41 12.74
C SER A 354 3.82 -3.58 11.98
N ILE A 355 4.32 -2.73 11.09
CA ILE A 355 3.51 -1.83 10.27
C ILE A 355 3.89 -2.05 8.82
N ARG A 356 2.89 -2.04 7.93
CA ARG A 356 3.12 -2.17 6.50
C ARG A 356 2.91 -0.83 5.82
N PHE A 357 3.95 -0.32 5.16
CA PHE A 357 3.87 0.89 4.35
C PHE A 357 3.77 0.49 2.89
N GLY A 358 2.84 1.11 2.17
CA GLY A 358 2.70 0.84 0.75
C GLY A 358 2.96 2.07 -0.09
N ILE A 359 3.84 1.95 -1.08
CA ILE A 359 4.18 3.06 -1.98
C ILE A 359 3.83 2.65 -3.40
N GLY A 360 3.16 3.53 -4.12
CA GLY A 360 2.67 3.16 -5.44
C GLY A 360 2.89 4.18 -6.54
N ARG A 361 2.19 3.96 -7.67
CA ARG A 361 2.37 4.79 -8.86
C ARG A 361 2.13 6.27 -8.58
N PHE A 362 1.22 6.60 -7.66
CA PHE A 362 0.83 7.99 -7.42
C PHE A 362 1.42 8.57 -6.13
N THR A 363 2.24 7.83 -5.40
CA THR A 363 2.82 8.35 -4.18
C THR A 363 3.87 9.41 -4.47
N THR A 364 3.89 10.47 -3.66
CA THR A 364 4.82 11.57 -3.84
C THR A 364 5.89 11.56 -2.75
N GLU A 365 7.01 12.20 -3.06
CA GLU A 365 8.06 12.37 -2.06
C GLU A 365 7.55 13.11 -0.84
N GLU A 366 6.65 14.07 -1.05
CA GLU A 366 6.07 14.80 0.08
CA GLU A 366 6.06 14.81 0.07
C GLU A 366 5.29 13.88 1.00
N GLU A 367 4.61 12.87 0.45
CA GLU A 367 3.85 11.95 1.29
C GLU A 367 4.78 11.05 2.09
N VAL A 368 5.86 10.57 1.46
CA VAL A 368 6.84 9.75 2.18
C VAL A 368 7.44 10.54 3.33
N ASP A 369 7.87 11.79 3.07
CA ASP A 369 8.49 12.60 4.11
C ASP A 369 7.52 12.88 5.26
N TYR A 370 6.27 13.19 4.93
CA TYR A 370 5.26 13.37 5.97
C TYR A 370 5.10 12.10 6.80
N THR A 371 4.92 10.96 6.12
CA THR A 371 4.76 9.69 6.82
C THR A 371 5.97 9.39 7.70
N VAL A 372 7.18 9.65 7.19
CA VAL A 372 8.39 9.35 7.95
C VAL A 372 8.46 10.21 9.20
N GLU A 373 8.23 11.51 9.05
CA GLU A 373 8.28 12.41 10.19
C GLU A 373 7.27 12.00 11.26
N LYS A 374 6.01 11.76 10.86
CA LYS A 374 4.98 11.40 11.82
C LYS A 374 5.29 10.06 12.48
N CYS A 375 5.83 9.12 11.72
CA CYS A 375 6.18 7.82 12.28
C CYS A 375 7.29 7.96 13.33
N ILE A 376 8.32 8.75 13.02
CA ILE A 376 9.38 9.00 13.99
C ILE A 376 8.81 9.66 15.25
N GLN A 377 7.98 10.68 15.06
CA GLN A 377 7.40 11.41 16.18
C GLN A 377 6.63 10.49 17.13
N HIS A 378 5.77 9.63 16.57
CA HIS A 378 4.82 8.89 17.38
C HIS A 378 5.36 7.57 17.89
N VAL A 379 6.42 7.03 17.28
CA VAL A 379 7.10 5.90 17.89
C VAL A 379 7.79 6.35 19.17
N LYS A 380 8.36 7.57 19.17
CA LYS A 380 8.96 8.10 20.39
C LYS A 380 7.92 8.31 21.47
N ARG A 381 6.76 8.88 21.10
CA ARG A 381 5.70 9.12 22.08
CA ARG A 381 5.70 9.12 22.08
C ARG A 381 5.20 7.80 22.66
N LEU A 382 4.92 6.82 21.80
CA LEU A 382 4.41 5.54 22.27
C LEU A 382 5.45 4.80 23.11
N ARG A 383 6.73 4.99 22.81
CA ARG A 383 7.77 4.38 23.64
C ARG A 383 7.82 5.03 25.02
N GLU A 384 7.58 6.34 25.10
CA GLU A 384 7.53 7.00 26.39
C GLU A 384 6.31 6.58 27.21
N MET A 385 5.24 6.11 26.55
CA MET A 385 4.11 5.51 27.24
C MET A 385 4.29 4.02 27.50
N SER A 386 5.36 3.41 27.00
CA SER A 386 5.44 1.95 27.01
C SER A 386 6.18 1.46 28.24
N PRO A 387 5.62 0.48 28.96
CA PRO A 387 6.35 -0.08 30.12
C PRO A 387 7.50 -0.97 29.70
N LEU A 388 7.42 -1.62 28.52
CA LEU A 388 8.52 -2.44 28.06
C LEU A 388 9.73 -1.59 27.69
N TRP A 389 9.48 -0.44 27.08
CA TRP A 389 10.58 0.50 26.82
C TRP A 389 11.17 1.02 28.12
N GLU A 390 10.33 1.33 29.09
CA GLU A 390 10.83 1.80 30.39
C GLU A 390 11.69 0.74 31.07
N MET A 391 11.26 -0.53 31.02
CA MET A 391 12.05 -1.59 31.63
C MET A 391 13.40 -1.75 30.93
N VAL A 392 13.40 -1.72 29.59
CA VAL A 392 14.65 -1.85 28.86
C VAL A 392 15.58 -0.67 29.14
N GLN A 393 15.02 0.55 29.19
CA GLN A 393 15.82 1.72 29.54
C GLN A 393 16.51 1.55 30.88
N ASP A 394 15.91 0.80 31.79
CA ASP A 394 16.49 0.52 33.10
C ASP A 394 17.35 -0.74 33.10
N GLY A 395 17.78 -1.20 31.94
CA GLY A 395 18.67 -2.36 31.88
C GLY A 395 18.03 -3.65 32.36
N ILE A 396 16.76 -3.85 32.06
CA ILE A 396 16.03 -5.07 32.41
C ILE A 396 15.88 -5.90 31.14
N ASP A 397 16.21 -7.19 31.24
CA ASP A 397 16.01 -8.12 30.14
C ASP A 397 14.54 -8.57 30.16
N LEU A 398 13.83 -8.31 29.07
CA LEU A 398 12.41 -8.65 29.02
C LEU A 398 12.18 -10.15 28.97
N LYS A 399 13.10 -10.90 28.37
CA LYS A 399 12.99 -12.36 28.28
C LYS A 399 13.28 -13.06 29.61
N SER A 400 13.22 -12.34 30.73
CA SER A 400 13.43 -12.93 32.05
C SER A 400 12.30 -12.61 33.01
N ILE A 401 11.17 -12.09 32.52
CA ILE A 401 10.02 -11.74 33.34
C ILE A 401 8.96 -12.83 33.20
N LYS A 402 8.33 -13.16 34.32
CA LYS A 402 7.24 -14.15 34.34
C LYS A 402 5.94 -13.41 34.07
N TRP A 403 5.50 -13.42 32.81
CA TRP A 403 4.31 -12.68 32.41
C TRP A 403 3.03 -13.48 32.65
N THR A 404 2.03 -13.26 31.81
CA THR A 404 0.71 -13.88 31.91
C THR A 404 0.15 -13.85 33.33
N ALA B 2 2.80 20.02 -44.58
CA ALA B 2 3.00 19.03 -43.52
C ALA B 2 3.06 19.72 -42.16
N ALA B 3 2.44 19.10 -41.16
CA ALA B 3 2.43 19.67 -39.82
C ALA B 3 3.84 19.68 -39.23
N SER B 4 4.12 20.68 -38.41
CA SER B 4 5.41 20.79 -37.74
C SER B 4 5.40 19.93 -36.48
N SER B 5 6.34 18.99 -36.40
CA SER B 5 6.42 18.14 -35.23
C SER B 5 6.85 18.93 -33.98
N ARG B 6 7.79 19.87 -34.14
CA ARG B 6 8.25 20.65 -33.00
C ARG B 6 7.15 21.57 -32.48
N ALA B 7 6.48 22.29 -33.38
CA ALA B 7 5.38 23.15 -32.97
C ALA B 7 4.28 22.35 -32.30
N GLN B 8 3.99 21.16 -32.81
CA GLN B 8 2.99 20.30 -32.20
C GLN B 8 3.40 19.86 -30.81
N VAL B 9 4.65 19.40 -30.66
CA VAL B 9 5.09 18.84 -29.38
C VAL B 9 5.07 19.89 -28.28
N LEU B 10 5.57 21.10 -28.58
CA LEU B 10 5.62 22.13 -27.56
C LEU B 10 4.22 22.62 -27.19
N ALA B 11 3.33 22.71 -28.17
CA ALA B 11 1.94 23.09 -27.88
C ALA B 11 1.23 22.00 -27.09
N LEU B 12 1.50 20.74 -27.42
CA LEU B 12 0.95 19.63 -26.64
C LEU B 12 1.53 19.61 -25.23
N TYR B 13 2.83 19.91 -25.10
CA TYR B 13 3.47 19.96 -23.80
C TYR B 13 2.79 20.96 -22.88
N ARG B 14 2.56 22.18 -23.38
CA ARG B 14 1.91 23.20 -22.56
C ARG B 14 0.47 22.81 -22.23
N ALA B 15 -0.29 22.37 -23.22
CA ALA B 15 -1.71 22.08 -23.00
C ALA B 15 -1.87 20.93 -22.02
N MET B 16 -1.00 19.93 -22.12
CA MET B 16 -1.06 18.78 -21.24
C MET B 16 -0.74 19.15 -19.80
N LEU B 17 0.31 19.95 -19.60
CA LEU B 17 0.65 20.39 -18.25
C LEU B 17 -0.46 21.26 -17.66
N ARG B 18 -0.92 22.25 -18.44
CA ARG B 18 -1.99 23.14 -17.96
C ARG B 18 -3.24 22.36 -17.57
N GLU B 19 -3.62 21.37 -18.38
CA GLU B 19 -4.83 20.61 -18.08
C GLU B 19 -4.64 19.72 -16.86
N SER B 20 -3.47 19.09 -16.74
CA SER B 20 -3.20 18.21 -15.60
CA SER B 20 -3.20 18.21 -15.60
C SER B 20 -3.21 18.98 -14.29
N LYS B 21 -2.82 20.25 -14.31
CA LYS B 21 -2.85 21.08 -13.11
C LYS B 21 -4.27 21.35 -12.63
N ARG B 22 -5.29 21.08 -13.44
CA ARG B 22 -6.67 21.27 -13.06
C ARG B 22 -7.29 20.05 -12.38
N PHE B 23 -6.56 18.95 -12.26
CA PHE B 23 -7.02 17.80 -11.50
C PHE B 23 -7.33 18.19 -10.06
N SER B 24 -8.51 17.82 -9.57
CA SER B 24 -8.85 18.09 -8.18
C SER B 24 -8.08 17.18 -7.24
N ALA B 25 -7.96 15.89 -7.59
CA ALA B 25 -7.31 14.93 -6.70
C ALA B 25 -5.80 15.15 -6.71
N TYR B 26 -5.22 15.20 -5.52
CA TYR B 26 -3.79 15.47 -5.38
C TYR B 26 -2.95 14.38 -6.04
N ASN B 27 -3.32 13.12 -5.85
CA ASN B 27 -2.47 12.05 -6.38
CA ASN B 27 -2.53 12.01 -6.38
C ASN B 27 -2.52 12.00 -7.91
N TYR B 28 -3.65 12.31 -8.53
CA TYR B 28 -3.68 12.34 -9.99
C TYR B 28 -2.96 13.57 -10.52
N ARG B 29 -3.15 14.72 -9.86
CA ARG B 29 -2.54 15.96 -10.33
C ARG B 29 -1.03 15.89 -10.29
N THR B 30 -0.47 15.49 -9.14
CA THR B 30 0.99 15.45 -9.02
C THR B 30 1.58 14.40 -9.96
N TYR B 31 0.89 13.26 -10.13
CA TYR B 31 1.42 12.23 -11.01
C TYR B 31 1.45 12.70 -12.46
N ALA B 32 0.32 13.25 -12.94
CA ALA B 32 0.23 13.64 -14.34
C ALA B 32 1.27 14.71 -14.69
N VAL B 33 1.36 15.75 -13.85
CA VAL B 33 2.34 16.80 -14.11
C VAL B 33 3.74 16.24 -14.12
N ARG B 34 4.06 15.34 -13.18
CA ARG B 34 5.40 14.77 -13.12
CA ARG B 34 5.40 14.77 -13.12
C ARG B 34 5.65 13.82 -14.29
N ARG B 35 4.63 13.01 -14.65
CA ARG B 35 4.81 12.04 -15.72
C ARG B 35 5.01 12.72 -17.07
N ILE B 36 4.21 13.74 -17.36
CA ILE B 36 4.36 14.48 -18.62
C ILE B 36 5.75 15.10 -18.71
N ARG B 37 6.20 15.72 -17.61
CA ARG B 37 7.52 16.36 -17.62
C ARG B 37 8.62 15.32 -17.84
N ASP B 38 8.46 14.14 -17.25
CA ASP B 38 9.49 13.12 -17.37
C ASP B 38 9.46 12.45 -18.75
N ALA B 39 8.26 12.25 -19.31
CA ALA B 39 8.15 11.54 -20.58
C ALA B 39 8.66 12.39 -21.73
N PHE B 40 8.24 13.65 -21.80
CA PHE B 40 8.72 14.54 -22.84
C PHE B 40 10.25 14.69 -22.79
N ARG B 41 10.81 14.71 -21.57
CA ARG B 41 12.25 14.82 -21.44
C ARG B 41 12.93 13.52 -21.85
N GLU B 42 12.34 12.38 -21.51
CA GLU B 42 12.94 11.09 -21.84
C GLU B 42 12.95 10.84 -23.35
N ASN B 43 11.97 11.37 -24.08
CA ASN B 43 11.87 11.16 -25.52
C ASN B 43 12.43 12.34 -26.31
N LYS B 44 13.22 13.20 -25.67
CA LYS B 44 13.67 14.42 -26.31
C LYS B 44 14.57 14.14 -27.51
N ASN B 45 15.43 13.12 -27.40
CA ASN B 45 16.46 12.87 -28.40
C ASN B 45 16.05 11.80 -29.42
N VAL B 46 14.75 11.52 -29.57
CA VAL B 46 14.29 10.62 -30.61
C VAL B 46 14.45 11.30 -31.96
N LYS B 47 14.94 10.55 -32.95
CA LYS B 47 15.19 11.08 -34.28
C LYS B 47 14.27 10.52 -35.36
N ASP B 48 13.84 9.26 -35.23
CA ASP B 48 12.96 8.61 -36.21
C ASP B 48 11.65 9.38 -36.34
N PRO B 49 11.40 10.01 -37.50
CA PRO B 49 10.18 10.83 -37.64
C PRO B 49 8.89 10.03 -37.44
N VAL B 50 8.91 8.72 -37.72
CA VAL B 50 7.70 7.92 -37.51
C VAL B 50 7.55 7.55 -36.03
N GLU B 51 8.66 7.47 -35.30
CA GLU B 51 8.59 7.24 -33.86
C GLU B 51 8.05 8.48 -33.14
N ILE B 52 8.40 9.66 -33.63
CA ILE B 52 7.90 10.89 -33.04
C ILE B 52 6.40 11.03 -33.27
N GLN B 53 5.94 10.75 -34.49
CA GLN B 53 4.51 10.84 -34.78
C GLN B 53 3.72 9.86 -33.93
N THR B 54 4.26 8.66 -33.71
CA THR B 54 3.63 7.71 -32.80
C THR B 54 3.50 8.31 -31.39
N LEU B 55 4.57 8.93 -30.90
CA LEU B 55 4.53 9.56 -29.58
C LEU B 55 3.57 10.73 -29.55
N VAL B 56 3.59 11.56 -30.61
CA VAL B 56 2.70 12.72 -30.67
C VAL B 56 1.24 12.28 -30.60
N ASN B 57 0.87 11.29 -31.42
CA ASN B 57 -0.50 10.78 -31.40
C ASN B 57 -0.86 10.21 -30.03
N LYS B 58 0.07 9.49 -29.40
CA LYS B 58 -0.18 8.96 -28.07
C LYS B 58 -0.40 10.09 -27.06
N ALA B 59 0.37 11.17 -27.19
CA ALA B 59 0.15 12.34 -26.33
C ALA B 59 -1.22 12.97 -26.57
N LYS B 60 -1.61 13.12 -27.84
CA LYS B 60 -2.93 13.69 -28.12
C LYS B 60 -4.05 12.85 -27.53
N ARG B 61 -3.89 11.53 -27.56
CA ARG B 61 -4.89 10.65 -26.96
CA ARG B 61 -4.88 10.65 -26.95
C ARG B 61 -4.93 10.83 -25.45
N ASP B 62 -3.76 10.92 -24.81
CA ASP B 62 -3.71 11.09 -23.36
C ASP B 62 -4.20 12.48 -22.94
N LEU B 63 -4.05 13.49 -23.80
CA LEU B 63 -4.62 14.80 -23.49
C LEU B 63 -6.14 14.74 -23.44
N GLY B 64 -6.74 13.90 -24.29
CA GLY B 64 -8.19 13.70 -24.20
C GLY B 64 -8.58 12.98 -22.93
N VAL B 65 -7.79 11.98 -22.53
CA VAL B 65 -8.01 11.28 -21.27
C VAL B 65 -7.95 12.27 -20.10
N ILE B 66 -6.91 13.10 -20.09
CA ILE B 66 -6.73 14.07 -19.00
C ILE B 66 -7.91 15.03 -18.95
N ARG B 67 -8.32 15.56 -20.11
CA ARG B 67 -9.42 16.52 -20.16
C ARG B 67 -10.70 15.90 -19.61
N ARG B 68 -11.02 14.67 -20.02
CA ARG B 68 -12.25 14.03 -19.55
C ARG B 68 -12.16 13.69 -18.06
N GLN B 69 -11.01 13.17 -17.62
CA GLN B 69 -10.89 12.72 -16.23
C GLN B 69 -10.80 13.89 -15.26
N VAL B 70 -10.23 15.00 -15.70
CA VAL B 70 -10.26 16.22 -14.88
C VAL B 70 -11.70 16.65 -14.65
N HIS B 71 -12.52 16.61 -15.70
CA HIS B 71 -13.89 17.08 -15.54
CA HIS B 71 -13.92 17.05 -15.59
C HIS B 71 -14.69 16.17 -14.62
N ILE B 72 -14.58 14.85 -14.79
CA ILE B 72 -15.36 13.97 -13.92
C ILE B 72 -14.83 14.01 -12.49
N GLY B 73 -13.53 14.25 -12.33
CA GLY B 73 -12.98 14.48 -11.01
C GLY B 73 -13.46 15.76 -10.36
N GLN B 74 -13.90 16.73 -11.16
CA GLN B 74 -14.51 17.94 -10.61
C GLN B 74 -15.98 17.72 -10.28
N LEU B 75 -16.69 16.92 -11.08
CA LEU B 75 -18.07 16.61 -10.76
C LEU B 75 -18.19 15.79 -9.49
N TYR B 76 -17.23 14.91 -9.23
CA TYR B 76 -17.23 14.04 -8.06
C TYR B 76 -15.96 14.31 -7.24
N SER B 77 -15.88 15.50 -6.68
CA SER B 77 -14.70 15.90 -5.92
C SER B 77 -14.86 15.53 -4.45
N THR B 78 -13.79 15.71 -3.70
CA THR B 78 -13.82 15.50 -2.26
C THR B 78 -12.82 16.45 -1.60
N ASP B 79 -12.72 16.34 -0.29
CA ASP B 79 -11.84 17.21 0.47
C ASP B 79 -10.38 16.97 0.08
N LYS B 80 -9.54 17.96 0.36
CA LYS B 80 -8.12 17.81 0.10
C LYS B 80 -7.47 16.91 1.14
N LEU B 81 -6.25 16.48 0.86
CA LEU B 81 -5.54 15.68 1.86
C LEU B 81 -4.89 16.58 2.90
N ILE B 82 -4.49 15.95 4.00
CA ILE B 82 -3.91 16.66 5.14
C ILE B 82 -2.70 17.50 4.74
N ILE B 83 -1.93 17.04 3.75
CA ILE B 83 -0.69 17.73 3.40
C ILE B 83 -0.89 18.92 2.48
N GLU B 84 -2.11 19.17 2.01
CA GLU B 84 -2.38 20.35 1.19
C GLU B 84 -2.73 21.56 2.04
N ASN B 85 -2.74 21.43 3.36
CA ASN B 85 -2.96 22.53 4.28
C ASN B 85 -1.67 23.29 4.57
N THR C 2 10.64 39.88 -2.54
CA THR C 2 9.69 40.87 -2.05
C THR C 2 9.16 41.74 -3.20
N ILE C 3 10.08 42.42 -3.89
CA ILE C 3 9.74 43.28 -5.02
C ILE C 3 9.36 42.42 -6.22
N GLU C 4 9.07 43.07 -7.35
CA GLU C 4 8.73 42.32 -8.56
C GLU C 4 9.92 41.55 -9.12
N GLU C 5 11.12 41.71 -8.53
CA GLU C 5 12.28 40.89 -8.84
C GLU C 5 12.15 39.46 -8.31
N ARG C 6 10.96 39.05 -7.85
CA ARG C 6 10.67 37.64 -7.64
C ARG C 6 10.79 36.86 -8.94
N VAL C 7 10.72 37.55 -10.08
CA VAL C 7 10.96 36.90 -11.36
C VAL C 7 12.32 36.20 -11.36
N LYS C 8 13.34 36.88 -10.83
CA LYS C 8 14.69 36.31 -10.79
C LYS C 8 14.70 34.99 -10.01
N LYS C 9 14.05 34.97 -8.84
CA LYS C 9 14.01 33.76 -8.04
C LYS C 9 13.34 32.62 -8.79
N ILE C 10 12.28 32.91 -9.55
CA ILE C 10 11.58 31.87 -10.29
C ILE C 10 12.48 31.29 -11.38
N ILE C 11 13.14 32.16 -12.15
CA ILE C 11 14.08 31.67 -13.17
C ILE C 11 15.16 30.81 -12.54
N GLY C 12 15.62 31.19 -11.34
CA GLY C 12 16.67 30.43 -10.68
C GLY C 12 16.23 29.02 -10.34
N GLU C 13 15.12 28.88 -9.63
CA GLU C 13 14.64 27.55 -9.23
C GLU C 13 14.32 26.69 -10.46
N GLN C 14 13.79 27.32 -11.51
CA GLN C 14 13.35 26.56 -12.68
C GLN C 14 14.54 25.99 -13.44
N LEU C 15 15.55 26.81 -13.71
CA LEU C 15 16.68 26.38 -14.53
C LEU C 15 17.85 25.85 -13.69
N GLY C 16 17.72 25.84 -12.36
CA GLY C 16 18.80 25.36 -11.52
C GLY C 16 20.05 26.22 -11.63
N VAL C 17 19.88 27.53 -11.50
CA VAL C 17 20.97 28.49 -11.65
C VAL C 17 21.00 29.37 -10.41
N LYS C 18 22.20 29.60 -9.87
CA LYS C 18 22.35 30.46 -8.72
C LYS C 18 21.84 31.87 -9.04
N GLN C 19 21.25 32.51 -8.04
CA GLN C 19 20.69 33.84 -8.24
C GLN C 19 21.73 34.87 -8.66
N GLU C 20 23.01 34.60 -8.38
CA GLU C 20 24.06 35.53 -8.82
C GLU C 20 24.24 35.51 -10.32
N GLU C 21 24.02 34.36 -10.96
CA GLU C 21 24.17 34.26 -12.41
C GLU C 21 22.92 34.71 -13.17
N VAL C 22 21.79 34.86 -12.50
CA VAL C 22 20.56 35.30 -13.16
C VAL C 22 20.62 36.82 -13.33
N THR C 23 21.26 37.28 -14.41
CA THR C 23 21.37 38.69 -14.70
C THR C 23 20.21 39.15 -15.58
N ASN C 24 20.02 40.47 -15.65
CA ASN C 24 18.89 41.02 -16.38
C ASN C 24 19.01 40.77 -17.88
N ASN C 25 20.22 40.88 -18.43
CA ASN C 25 20.42 40.71 -19.87
C ASN C 25 20.58 39.25 -20.29
N ALA C 26 20.45 38.30 -19.36
CA ALA C 26 20.68 36.89 -19.69
C ALA C 26 19.47 36.28 -20.38
N SER C 27 19.73 35.45 -21.39
CA SER C 27 18.69 34.69 -22.05
C SER C 27 18.66 33.26 -21.51
N PHE C 28 17.45 32.70 -21.43
CA PHE C 28 17.30 31.38 -20.83
C PHE C 28 18.07 30.32 -21.60
N VAL C 29 17.94 30.31 -22.92
CA VAL C 29 18.55 29.25 -23.73
C VAL C 29 20.05 29.45 -23.86
N GLU C 30 20.47 30.63 -24.27
CA GLU C 30 21.87 30.87 -24.64
C GLU C 30 22.76 31.17 -23.44
N ASP C 31 22.18 31.55 -22.30
CA ASP C 31 22.97 31.93 -21.14
C ASP C 31 22.72 31.08 -19.90
N LEU C 32 21.59 30.38 -19.82
CA LEU C 32 21.25 29.62 -18.62
C LEU C 32 20.96 28.15 -18.94
N GLY C 33 21.36 27.68 -20.12
CA GLY C 33 21.30 26.27 -20.44
C GLY C 33 19.91 25.68 -20.49
N ALA C 34 18.90 26.50 -20.76
CA ALA C 34 17.53 26.01 -20.84
C ALA C 34 17.19 25.56 -22.25
N ASP C 35 16.33 24.55 -22.35
CA ASP C 35 15.82 24.09 -23.63
C ASP C 35 14.36 24.54 -23.78
N SER C 36 13.74 24.13 -24.89
CA SER C 36 12.37 24.53 -25.15
C SER C 36 11.38 23.91 -24.17
N LEU C 37 11.77 22.82 -23.49
CA LEU C 37 10.91 22.23 -22.47
C LEU C 37 10.99 23.01 -21.17
N ASP C 38 12.20 23.47 -20.81
CA ASP C 38 12.34 24.31 -19.63
C ASP C 38 11.58 25.62 -19.78
N THR C 39 11.62 26.22 -20.97
CA THR C 39 11.01 27.53 -21.14
C THR C 39 9.49 27.44 -21.05
N VAL C 40 8.89 26.38 -21.60
CA VAL C 40 7.45 26.16 -21.39
C VAL C 40 7.13 26.16 -19.91
N GLU C 41 7.91 25.41 -19.12
CA GLU C 41 7.69 25.37 -17.68
C GLU C 41 7.98 26.71 -17.03
N LEU C 42 8.97 27.45 -17.54
CA LEU C 42 9.29 28.76 -16.98
C LEU C 42 8.11 29.71 -17.13
N VAL C 43 7.52 29.78 -18.34
CA VAL C 43 6.38 30.67 -18.56
C VAL C 43 5.22 30.29 -17.65
N MET C 44 4.92 29.00 -17.56
CA MET C 44 3.85 28.56 -16.67
C MET C 44 4.16 28.90 -15.22
N ALA C 45 5.43 28.75 -14.81
CA ALA C 45 5.81 29.08 -13.45
C ALA C 45 5.55 30.55 -13.14
N LEU C 46 5.95 31.44 -14.05
CA LEU C 46 5.63 32.85 -13.90
C LEU C 46 4.12 33.09 -13.91
N GLU C 47 3.39 32.31 -14.71
CA GLU C 47 1.94 32.44 -14.74
C GLU C 47 1.34 32.11 -13.38
N GLU C 48 1.81 31.04 -12.73
CA GLU C 48 1.27 30.66 -11.42
C GLU C 48 1.74 31.60 -10.33
N GLU C 49 2.93 32.18 -10.46
CA GLU C 49 3.46 33.03 -9.40
C GLU C 49 2.71 34.36 -9.33
N PHE C 50 2.36 34.93 -10.47
CA PHE C 50 1.80 36.28 -10.53
C PHE C 50 0.32 36.29 -10.88
N ASP C 51 -0.32 35.13 -10.93
CA ASP C 51 -1.75 35.02 -11.20
C ASP C 51 -2.14 35.73 -12.50
N THR C 52 -1.35 35.49 -13.54
CA THR C 52 -1.55 36.11 -14.84
C THR C 52 -1.64 35.03 -15.91
N GLU C 53 -2.17 35.42 -17.06
CA GLU C 53 -2.30 34.51 -18.20
C GLU C 53 -1.42 35.05 -19.33
N ILE C 54 -0.38 34.30 -19.69
CA ILE C 54 0.56 34.71 -20.72
C ILE C 54 0.22 33.92 -22.00
N PRO C 55 -0.37 34.55 -23.01
CA PRO C 55 -0.73 33.82 -24.22
C PRO C 55 0.50 33.51 -25.07
N ASP C 56 0.28 32.69 -26.10
CA ASP C 56 1.39 32.15 -26.88
C ASP C 56 2.19 33.27 -27.56
N GLU C 57 1.50 34.30 -28.07
CA GLU C 57 2.21 35.35 -28.79
C GLU C 57 3.06 36.21 -27.85
N GLU C 58 2.73 36.24 -26.56
CA GLU C 58 3.54 36.94 -25.57
C GLU C 58 4.65 36.05 -25.01
N ALA C 59 4.34 34.78 -24.75
CA ALA C 59 5.33 33.86 -24.21
C ALA C 59 6.52 33.70 -25.16
N GLU C 60 6.27 33.81 -26.46
CA GLU C 60 7.36 33.70 -27.43
C GLU C 60 8.34 34.85 -27.32
N LYS C 61 7.91 36.00 -26.79
CA LYS C 61 8.79 37.14 -26.61
C LYS C 61 9.56 37.10 -25.29
N ILE C 62 9.12 36.29 -24.33
CA ILE C 62 9.79 36.21 -23.02
C ILE C 62 10.89 35.18 -23.17
N THR C 63 12.05 35.62 -23.66
CA THR C 63 13.22 34.79 -23.83
C THR C 63 14.41 35.22 -22.98
N THR C 64 14.35 36.40 -22.37
CA THR C 64 15.40 36.90 -21.49
C THR C 64 14.81 37.21 -20.13
N VAL C 65 15.71 37.43 -19.16
CA VAL C 65 15.28 37.73 -17.80
C VAL C 65 14.59 39.09 -17.73
N GLN C 66 15.16 40.10 -18.39
CA GLN C 66 14.55 41.43 -18.37
C GLN C 66 13.20 41.42 -19.06
N ALA C 67 13.06 40.65 -20.14
CA ALA C 67 11.76 40.56 -20.81
C ALA C 67 10.70 39.99 -19.88
N ALA C 68 11.08 39.04 -19.03
CA ALA C 68 10.13 38.48 -18.09
C ALA C 68 9.76 39.50 -17.01
N ILE C 69 10.73 40.26 -16.53
CA ILE C 69 10.45 41.30 -15.54
C ILE C 69 9.56 42.37 -16.15
N ASP C 70 9.78 42.71 -17.42
CA ASP C 70 9.02 43.77 -18.05
C ASP C 70 7.56 43.35 -18.27
N TYR C 71 7.33 42.12 -18.72
CA TYR C 71 5.96 41.68 -18.98
C TYR C 71 5.14 41.63 -17.69
N ILE C 72 5.76 41.16 -16.60
CA ILE C 72 5.04 41.05 -15.34
C ILE C 72 4.74 42.44 -14.78
N ASN C 73 5.70 43.37 -14.91
CA ASN C 73 5.49 44.72 -14.40
C ASN C 73 4.40 45.46 -15.17
N GLY C 74 4.21 45.12 -16.45
CA GLY C 74 3.19 45.74 -17.26
C GLY C 74 1.87 45.03 -17.28
N HIS C 75 1.64 44.08 -16.36
CA HIS C 75 0.39 43.34 -16.28
C HIS C 75 -0.02 43.16 -14.83
N GLN C 76 0.05 44.26 -14.07
CA GLN C 76 -0.30 44.30 -12.66
C GLN C 76 0.48 43.26 -11.84
N HIS D 4 -13.20 5.37 17.69
CA HIS D 4 -14.09 6.30 18.39
C HIS D 4 -13.29 7.42 19.05
N LYS D 5 -13.92 8.60 19.15
CA LYS D 5 -13.25 9.76 19.72
C LYS D 5 -12.90 9.57 21.19
N LYS D 6 -13.74 8.85 21.93
CA LYS D 6 -13.50 8.68 23.36
C LYS D 6 -12.21 7.89 23.61
N VAL D 7 -11.91 6.91 22.75
CA VAL D 7 -10.73 6.08 22.95
C VAL D 7 -9.47 6.82 22.50
N VAL D 8 -9.52 7.49 21.36
CA VAL D 8 -8.35 8.17 20.80
C VAL D 8 -7.92 9.33 21.69
N ASP D 9 -8.88 9.95 22.38
CA ASP D 9 -8.57 11.10 23.25
C ASP D 9 -7.49 10.75 24.28
N HIS D 10 -7.47 9.52 24.76
CA HIS D 10 -6.51 9.14 25.81
C HIS D 10 -5.08 9.06 25.28
N TYR D 11 -4.88 8.99 23.96
CA TYR D 11 -3.55 9.12 23.39
C TYR D 11 -3.24 10.55 22.97
N GLU D 12 -4.16 11.19 22.24
CA GLU D 12 -3.89 12.53 21.75
C GLU D 12 -3.76 13.54 22.88
N ASN D 13 -4.44 13.28 24.01
CA ASN D 13 -4.37 14.14 25.19
C ASN D 13 -4.02 13.24 26.38
N PRO D 14 -2.77 12.83 26.49
CA PRO D 14 -2.41 11.89 27.56
C PRO D 14 -2.53 12.53 28.94
N ARG D 15 -2.75 11.69 29.94
CA ARG D 15 -2.87 12.13 31.32
C ARG D 15 -2.38 11.03 32.24
N ASN D 16 -1.67 11.42 33.30
CA ASN D 16 -1.15 10.49 34.31
C ASN D 16 -0.22 9.44 33.71
N VAL D 17 0.43 9.77 32.60
CA VAL D 17 1.45 8.90 32.03
C VAL D 17 2.75 9.10 32.82
N GLY D 18 3.28 8.01 33.35
CA GLY D 18 4.56 8.10 34.06
C GLY D 18 4.77 7.00 35.05
N SER D 19 5.58 7.27 36.07
CA SER D 19 5.91 6.24 37.06
C SER D 19 5.93 6.81 38.47
N LEU D 20 5.74 5.94 39.47
CA LEU D 20 5.84 6.36 40.87
C LEU D 20 6.99 5.54 41.49
N ASP D 21 7.33 5.77 42.75
CA ASP D 21 8.45 5.08 43.40
C ASP D 21 7.99 3.71 43.87
N LYS D 22 8.49 2.67 43.19
CA LYS D 22 8.17 1.30 43.58
C LYS D 22 8.61 0.96 44.99
N THR D 23 9.62 1.65 45.51
CA THR D 23 10.15 1.38 46.84
C THR D 23 9.32 2.00 47.96
N SER D 24 8.27 2.76 47.63
CA SER D 24 7.44 3.39 48.66
C SER D 24 6.48 2.37 49.27
N LYS D 25 6.30 2.47 50.59
CA LYS D 25 5.30 1.66 51.27
C LYS D 25 3.88 2.12 50.99
N ASN D 26 3.70 3.31 50.39
CA ASN D 26 2.40 3.84 50.06
C ASN D 26 2.11 3.78 48.57
N VAL D 27 3.00 3.17 47.79
CA VAL D 27 2.83 3.02 46.35
C VAL D 27 2.63 1.55 46.04
N GLY D 28 1.56 1.23 45.32
CA GLY D 28 1.29 -0.12 44.87
C GLY D 28 1.39 -0.21 43.36
N THR D 29 2.16 -1.19 42.89
CA THR D 29 2.46 -1.36 41.48
C THR D 29 1.80 -2.62 40.95
N GLY D 30 1.01 -2.47 39.89
CA GLY D 30 0.43 -3.61 39.19
C GLY D 30 0.91 -3.70 37.76
N LEU D 31 1.50 -4.85 37.40
CA LEU D 31 1.99 -5.09 36.05
C LEU D 31 1.30 -6.34 35.51
N VAL D 32 0.44 -6.16 34.51
CA VAL D 32 -0.38 -7.26 34.00
C VAL D 32 -0.22 -7.37 32.49
N GLY D 33 -0.45 -8.57 31.99
CA GLY D 33 -0.35 -8.85 30.56
C GLY D 33 0.93 -9.54 30.17
N ALA D 34 1.18 -9.58 28.86
CA ALA D 34 2.38 -10.20 28.31
C ALA D 34 2.71 -9.56 26.97
N PRO D 35 3.99 -9.35 26.67
CA PRO D 35 4.35 -8.80 25.35
C PRO D 35 3.91 -9.69 24.20
N ALA D 36 3.91 -11.01 24.40
CA ALA D 36 3.46 -11.90 23.34
C ALA D 36 1.98 -11.72 23.04
N CYS D 37 1.20 -11.35 24.05
CA CYS D 37 -0.24 -11.16 23.88
CA CYS D 37 -0.24 -11.15 23.88
C CYS D 37 -0.59 -9.76 23.37
N GLY D 38 0.41 -8.91 23.11
CA GLY D 38 0.18 -7.58 22.58
C GLY D 38 -0.42 -6.58 23.54
N ASP D 39 -0.35 -6.83 24.84
CA ASP D 39 -1.03 -5.96 25.80
C ASP D 39 -0.33 -6.11 27.15
N VAL D 40 0.40 -5.09 27.56
CA VAL D 40 1.05 -5.02 28.87
C VAL D 40 0.63 -3.71 29.53
N MET D 41 0.20 -3.80 30.79
CA MET D 41 -0.37 -2.68 31.51
C MET D 41 0.37 -2.52 32.83
N LYS D 42 0.98 -1.36 33.05
CA LYS D 42 1.61 -1.01 34.32
CA LYS D 42 1.59 -1.00 34.32
C LYS D 42 0.80 0.12 34.95
N LEU D 43 0.23 -0.15 36.12
CA LEU D 43 -0.59 0.83 36.83
C LEU D 43 -0.05 0.98 38.25
N GLN D 44 0.25 2.21 38.63
CA GLN D 44 0.76 2.51 39.96
C GLN D 44 -0.14 3.51 40.65
N ILE D 45 -0.37 3.31 41.94
CA ILE D 45 -1.22 4.19 42.73
C ILE D 45 -0.42 4.69 43.93
N GLN D 46 -0.78 5.87 44.41
CA GLN D 46 -0.19 6.44 45.61
C GLN D 46 -1.29 6.71 46.62
N VAL D 47 -1.15 6.12 47.81
CA VAL D 47 -2.14 6.20 48.88
C VAL D 47 -1.59 7.05 50.01
N ASP D 48 -2.43 7.93 50.56
CA ASP D 48 -2.03 8.69 51.72
C ASP D 48 -2.19 7.83 52.98
N GLU D 49 -1.95 8.44 54.14
CA GLU D 49 -2.02 7.69 55.39
C GLU D 49 -3.45 7.52 55.89
N LYS D 50 -4.45 8.03 55.17
CA LYS D 50 -5.84 7.84 55.53
C LYS D 50 -6.53 6.78 54.66
N GLY D 51 -5.81 6.21 53.70
CA GLY D 51 -6.35 5.16 52.85
C GLY D 51 -6.90 5.63 51.52
N LYS D 52 -6.74 6.91 51.19
CA LYS D 52 -7.28 7.47 49.96
C LYS D 52 -6.16 7.55 48.91
N ILE D 53 -6.44 7.01 47.73
CA ILE D 53 -5.52 7.16 46.61
C ILE D 53 -5.47 8.63 46.20
N VAL D 54 -4.28 9.23 46.32
CA VAL D 54 -4.10 10.65 46.03
C VAL D 54 -3.43 10.88 44.68
N ASP D 55 -2.82 9.87 44.08
CA ASP D 55 -2.17 10.01 42.78
C ASP D 55 -2.08 8.63 42.14
N ALA D 56 -1.84 8.62 40.83
CA ALA D 56 -1.70 7.38 40.09
C ALA D 56 -1.01 7.65 38.77
N ARG D 57 -0.28 6.65 38.28
CA ARG D 57 0.43 6.75 37.02
C ARG D 57 0.27 5.43 36.26
N PHE D 58 0.45 5.49 34.94
CA PHE D 58 0.33 4.29 34.13
C PHE D 58 1.27 4.36 32.94
N LYS D 59 1.59 3.18 32.41
CA LYS D 59 2.28 3.02 31.13
C LYS D 59 1.73 1.74 30.51
N THR D 60 1.35 1.82 29.23
CA THR D 60 0.70 0.69 28.56
C THR D 60 1.31 0.45 27.19
N PHE D 61 1.66 -0.81 26.92
CA PHE D 61 2.00 -1.30 25.59
C PHE D 61 0.77 -2.07 25.10
N GLY D 62 0.13 -1.56 24.05
CA GLY D 62 -1.08 -2.17 23.57
C GLY D 62 -1.81 -1.24 22.62
N CYS D 63 -2.94 -1.73 22.12
CA CYS D 63 -3.74 -0.96 21.17
C CYS D 63 -4.39 0.23 21.87
N GLY D 64 -5.05 1.06 21.08
CA GLY D 64 -5.65 2.27 21.62
C GLY D 64 -6.70 2.00 22.68
N SER D 65 -7.46 0.92 22.51
CA SER D 65 -8.46 0.55 23.50
C SER D 65 -7.81 0.16 24.83
N ALA D 66 -6.67 -0.52 24.77
CA ALA D 66 -5.93 -0.84 25.99
C ALA D 66 -5.32 0.41 26.61
N ILE D 67 -4.73 1.28 25.78
CA ILE D 67 -4.21 2.55 26.26
C ILE D 67 -5.32 3.33 26.95
N ALA D 68 -6.49 3.39 26.33
CA ALA D 68 -7.59 4.17 26.89
C ALA D 68 -8.18 3.50 28.12
N SER D 69 -8.18 2.16 28.16
CA SER D 69 -8.74 1.46 29.31
C SER D 69 -7.91 1.70 30.57
N SER D 70 -6.59 1.56 30.45
CA SER D 70 -5.73 1.76 31.61
C SER D 70 -5.57 3.24 31.92
N SER D 71 -5.65 4.11 30.91
CA SER D 71 -5.63 5.55 31.18
C SER D 71 -6.86 5.97 31.95
N LEU D 72 -8.03 5.44 31.58
CA LEU D 72 -9.26 5.78 32.29
C LEU D 72 -9.25 5.21 33.70
N ALA D 73 -8.74 3.99 33.87
CA ALA D 73 -8.64 3.40 35.21
C ALA D 73 -7.74 4.24 36.10
N THR D 74 -6.66 4.77 35.54
CA THR D 74 -5.74 5.59 36.33
C THR D 74 -6.40 6.88 36.78
N GLU D 75 -7.25 7.46 35.93
CA GLU D 75 -8.07 8.60 36.35
C GLU D 75 -9.03 8.21 37.46
N TRP D 76 -9.71 7.07 37.30
CA TRP D 76 -10.83 6.73 38.16
C TRP D 76 -10.40 6.38 39.58
N VAL D 77 -9.21 5.79 39.75
CA VAL D 77 -8.78 5.41 41.09
C VAL D 77 -8.44 6.64 41.93
N LYS D 78 -8.01 7.73 41.27
CA LYS D 78 -7.68 8.95 41.99
C LYS D 78 -8.91 9.48 42.72
N GLY D 79 -8.75 9.74 44.02
CA GLY D 79 -9.82 10.27 44.83
C GLY D 79 -10.67 9.22 45.53
N LYS D 80 -10.49 7.95 45.18
CA LYS D 80 -11.17 6.85 45.85
C LYS D 80 -10.26 6.24 46.91
N THR D 81 -10.87 5.55 47.87
CA THR D 81 -10.08 4.80 48.81
C THR D 81 -9.73 3.43 48.21
N VAL D 82 -8.86 2.71 48.93
CA VAL D 82 -8.45 1.38 48.47
C VAL D 82 -9.67 0.45 48.38
N GLU D 83 -10.61 0.59 49.31
CA GLU D 83 -11.80 -0.25 49.29
C GLU D 83 -12.75 0.13 48.15
N GLU D 84 -12.89 1.43 47.88
CA GLU D 84 -13.76 1.86 46.79
C GLU D 84 -13.19 1.46 45.44
N ALA D 85 -11.87 1.51 45.28
CA ALA D 85 -11.27 1.19 44.00
C ALA D 85 -11.43 -0.28 43.62
N LEU D 86 -11.60 -1.18 44.60
CA LEU D 86 -11.85 -2.58 44.28
C LEU D 86 -13.16 -2.76 43.51
N THR D 87 -14.13 -1.86 43.73
CA THR D 87 -15.43 -1.99 43.10
C THR D 87 -15.47 -1.49 41.66
N ILE D 88 -14.36 -0.95 41.15
CA ILE D 88 -14.30 -0.55 39.75
C ILE D 88 -14.32 -1.79 38.87
N LYS D 89 -15.30 -1.87 37.99
CA LYS D 89 -15.52 -3.05 37.16
C LYS D 89 -15.15 -2.77 35.70
N ASN D 90 -14.71 -3.82 35.02
CA ASN D 90 -14.36 -3.71 33.60
C ASN D 90 -15.56 -3.26 32.77
N THR D 91 -16.77 -3.61 33.20
CA THR D 91 -17.97 -3.19 32.47
C THR D 91 -18.15 -1.68 32.51
N ASP D 92 -17.72 -1.03 33.60
CA ASP D 92 -17.80 0.42 33.68
C ASP D 92 -16.83 1.07 32.71
N ILE D 93 -15.60 0.55 32.62
CA ILE D 93 -14.60 1.08 31.71
C ILE D 93 -15.08 0.93 30.27
N ALA D 94 -15.61 -0.24 29.93
CA ALA D 94 -16.07 -0.49 28.56
C ALA D 94 -17.24 0.42 28.20
N LYS D 95 -18.18 0.61 29.13
CA LYS D 95 -19.32 1.48 28.86
C LYS D 95 -18.87 2.92 28.62
N GLU D 96 -17.97 3.43 29.46
CA GLU D 96 -17.51 4.81 29.30
C GLU D 96 -16.80 5.00 27.97
N LEU D 97 -16.04 4.00 27.52
CA LEU D 97 -15.29 4.10 26.27
C LEU D 97 -16.06 3.56 25.07
N CYS D 98 -17.27 3.03 25.27
CA CYS D 98 -18.06 2.44 24.18
C CYS D 98 -17.27 1.39 23.41
N LEU D 99 -16.70 0.44 24.17
CA LEU D 99 -15.81 -0.53 23.55
C LEU D 99 -16.61 -1.61 22.82
N PRO D 100 -16.14 -2.01 21.63
CA PRO D 100 -16.78 -3.11 20.92
C PRO D 100 -16.49 -4.43 21.62
N PRO D 101 -17.20 -5.52 21.28
CA PRO D 101 -16.95 -6.76 22.00
C PRO D 101 -15.56 -7.33 21.75
N VAL D 102 -14.96 -7.04 20.59
CA VAL D 102 -13.62 -7.53 20.30
C VAL D 102 -12.54 -6.82 21.11
N LYS D 103 -12.90 -5.79 21.87
CA LYS D 103 -11.94 -5.07 22.71
C LYS D 103 -12.30 -5.12 24.19
N LEU D 104 -13.27 -5.95 24.58
CA LEU D 104 -13.63 -6.05 26.00
C LEU D 104 -12.51 -6.63 26.85
N HIS D 105 -11.60 -7.41 26.25
CA HIS D 105 -10.46 -7.92 27.00
C HIS D 105 -9.59 -6.80 27.55
N CYS D 106 -9.56 -5.66 26.86
CA CYS D 106 -8.81 -4.51 27.36
C CYS D 106 -9.37 -4.02 28.69
N SER D 107 -10.69 -3.91 28.80
CA SER D 107 -11.29 -3.52 30.08
C SER D 107 -11.00 -4.56 31.16
N MET D 108 -11.02 -5.85 30.81
CA MET D 108 -10.71 -6.90 31.76
CA MET D 108 -10.73 -6.89 31.78
C MET D 108 -9.31 -6.75 32.32
N LEU D 109 -8.34 -6.51 31.43
CA LEU D 109 -6.96 -6.32 31.88
C LEU D 109 -6.80 -5.03 32.66
N ALA D 110 -7.53 -3.97 32.29
CA ALA D 110 -7.49 -2.74 33.06
C ALA D 110 -7.99 -2.95 34.48
N GLU D 111 -9.08 -3.71 34.64
CA GLU D 111 -9.53 -4.09 35.98
C GLU D 111 -8.47 -4.93 36.69
N ASP D 112 -7.82 -5.85 35.95
CA ASP D 112 -6.76 -6.65 36.54
C ASP D 112 -5.59 -5.80 37.00
N ALA D 113 -5.35 -4.67 36.32
CA ALA D 113 -4.25 -3.80 36.71
C ALA D 113 -4.54 -3.07 38.02
N ILE D 114 -5.77 -2.57 38.18
CA ILE D 114 -6.16 -1.91 39.42
C ILE D 114 -5.99 -2.86 40.60
N LYS D 115 -6.57 -4.06 40.49
CA LYS D 115 -6.50 -5.00 41.59
C LYS D 115 -5.08 -5.48 41.85
N ALA D 116 -4.25 -5.51 40.81
CA ALA D 116 -2.85 -5.87 41.01
C ALA D 116 -2.13 -4.82 41.86
N ALA D 117 -2.23 -3.55 41.46
CA ALA D 117 -1.59 -2.49 42.24
C ALA D 117 -2.17 -2.40 43.64
N LEU D 118 -3.48 -2.59 43.77
CA LEU D 118 -4.11 -2.56 45.09
C LEU D 118 -3.59 -3.67 45.97
N ALA D 119 -3.31 -4.85 45.38
CA ALA D 119 -2.78 -5.96 46.16
C ALA D 119 -1.33 -5.73 46.54
N ASP D 120 -0.55 -5.12 45.64
CA ASP D 120 0.84 -4.79 45.97
C ASP D 120 0.91 -3.75 47.07
N TYR D 121 -0.07 -2.85 47.14
CA TYR D 121 -0.12 -1.89 48.24
C TYR D 121 -0.49 -2.58 49.54
N LYS D 122 -1.55 -3.38 49.53
CA LYS D 122 -2.01 -4.03 50.76
C LYS D 122 -0.97 -5.00 51.30
N LEU D 123 -0.14 -5.57 50.43
CA LEU D 123 0.92 -6.46 50.90
C LEU D 123 1.97 -5.72 51.71
N LYS D 124 2.23 -4.45 51.37
CA LYS D 124 3.19 -3.65 52.10
C LYS D 124 2.65 -3.16 53.44
N GLN D 125 1.33 -3.10 53.60
CA GLN D 125 0.69 -2.59 54.81
C GLN D 125 0.52 -3.65 55.89
N GLU D 126 1.11 -4.84 55.69
CA GLU D 126 0.92 -5.92 56.67
C GLU D 126 1.49 -5.58 58.05
N PRO D 127 2.75 -5.11 58.19
CA PRO D 127 3.21 -4.83 59.55
C PRO D 127 2.54 -3.60 60.16
N1 PLP E . -3.51 -12.97 -3.50
C2 PLP E . -2.80 -11.86 -3.11
C2A PLP E . -1.32 -11.95 -2.91
C3 PLP E . -3.45 -10.65 -2.92
O3 PLP E . -2.71 -9.55 -2.54
C4 PLP E . -4.82 -10.55 -3.11
C4A PLP E . -5.45 -9.20 -3.25
C5 PLP E . -5.54 -11.67 -3.49
C6 PLP E . -4.88 -12.89 -3.68
C5A PLP E . -7.03 -11.60 -3.70
O4P PLP E . -7.35 -10.94 -4.91
P PLP E . -8.83 -10.33 -5.13
O1P PLP E . -8.87 -9.64 -6.48
O2P PLP E . -9.82 -11.48 -5.08
O3P PLP E . -9.14 -9.34 -4.05
C1 EDO F . 1.48 -30.89 6.48
O1 EDO F . 0.06 -31.01 6.58
C2 EDO F . 1.87 -29.43 6.45
O2 EDO F . 3.21 -29.25 6.01
C1 GOL G . -6.45 7.15 9.01
O1 GOL G . -7.69 7.44 8.47
C2 GOL G . -6.70 6.65 10.45
O2 GOL G . -7.06 7.70 11.31
C3 GOL G . -5.39 5.96 10.88
O3 GOL G . -5.56 5.59 12.22
C1 GOL H . 6.15 15.63 -6.53
O1 GOL H . 5.38 16.09 -5.47
C2 GOL H . 7.35 14.85 -5.92
O2 GOL H . 7.22 13.48 -6.06
C3 GOL H . 8.61 15.41 -6.65
O3 GOL H . 9.72 14.97 -5.92
C1 EDO I . -0.99 15.45 18.73
O1 EDO I . -1.44 15.64 20.08
C2 EDO I . -1.84 14.37 18.06
O2 EDO I . -1.47 14.23 16.69
C1 EDO J . -2.43 10.91 17.39
O1 EDO J . -1.56 11.58 16.46
C2 EDO J . -3.60 10.31 16.64
O2 EDO J . -4.39 9.50 17.54
C1 EDO K . 18.67 6.50 16.97
O1 EDO K . 18.83 7.70 16.20
C2 EDO K . 19.57 5.41 16.40
O2 EDO K . 19.15 5.06 15.08
C1 EDO L . -9.27 9.67 10.15
O1 EDO L . -8.71 10.06 8.89
C2 EDO L . -8.68 10.52 11.27
O2 EDO L . -9.34 10.20 12.50
C1 EDO M . -2.52 -19.61 8.24
O1 EDO M . -1.62 -20.21 9.18
C2 EDO M . -3.84 -19.26 8.92
O2 EDO M . -4.72 -18.69 7.96
C1 EDO N . -12.96 -9.77 -31.53
O1 EDO N . -12.17 -8.66 -31.96
C2 EDO N . -14.36 -9.63 -32.11
O2 EDO N . -15.25 -10.49 -31.38
C1 EDO O . 6.79 -24.43 -19.35
O1 EDO O . 7.26 -24.66 -20.68
C2 EDO O . 6.07 -25.68 -18.84
O2 EDO O . 5.44 -25.40 -17.58
C1 EDO P . -17.88 -11.87 -12.53
O1 EDO P . -16.97 -10.78 -12.60
C2 EDO P . -19.11 -11.61 -13.39
O2 EDO P . -19.77 -12.84 -13.68
C1 EDO Q . 11.58 4.69 -17.51
O1 EDO Q . 12.38 5.79 -17.06
C2 EDO Q . 11.44 4.72 -19.03
O2 EDO Q . 10.60 3.64 -19.45
C1 EDO R . 18.18 -16.31 2.38
O1 EDO R . 16.86 -16.64 1.93
C2 EDO R . 18.47 -14.84 2.07
O2 EDO R . 19.88 -14.60 2.18
C1 EDO S . -0.48 5.94 -4.62
O1 EDO S . -0.12 5.02 -5.66
C2 EDO S . -1.99 6.20 -4.66
O2 EDO S . -2.29 7.41 -3.96
O1 PG4 T . 17.98 9.14 2.76
C1 PG4 T . 17.41 10.27 2.14
C2 PG4 T . 17.81 11.53 2.89
O2 PG4 T . 16.88 12.56 2.64
C3 PG4 T . 16.46 13.23 3.79
C4 PG4 T . 15.41 14.28 3.45
O3 PG4 T . 14.43 14.34 4.44
C5 PG4 T . 14.93 14.48 5.75
C6 PG4 T . 14.18 13.53 6.68
O4 PG4 T . 14.90 13.34 7.86
C7 PG4 T . 14.22 12.60 8.82
C8 PG4 T . 13.12 13.46 9.46
O5 PG4 T . 11.86 12.97 9.13
C1 PEG U . 11.25 -3.30 -14.66
O1 PEG U . 11.46 -3.45 -16.05
C2 PEG U . 12.42 -3.91 -13.88
O2 PEG U . 12.06 -4.07 -12.54
C3 PEG U . 12.67 -5.13 -11.88
C4 PEG U . 14.10 -4.74 -11.49
O4 PEG U . 14.62 -5.71 -10.62
C1 EDO V . 7.69 -5.62 21.46
O1 EDO V . 7.81 -4.68 20.38
C2 EDO V . 8.99 -5.66 22.24
O2 EDO V . 8.98 -6.79 23.12
C1 EDO W . 5.86 -3.00 -24.37
O1 EDO W . 6.88 -3.79 -23.74
C2 EDO W . 5.77 -1.66 -23.64
O2 EDO W . 4.66 -0.92 -24.15
C13 P15 X . 17.72 1.27 13.42
O6 P15 X . 17.46 -0.06 13.75
C12 P15 X . 18.61 -0.85 13.93
C11 P15 X . 18.23 -2.27 14.33
O5 P15 X . 17.68 -2.28 15.62
C10 P15 X . 18.13 -3.33 16.44
C9 P15 X . 17.11 -4.46 16.46
O4 P15 X . 16.07 -4.17 17.35
C8 P15 X . 16.11 -4.87 18.56
C7 P15 X . 14.70 -5.05 19.12
O3 P15 X . 14.59 -6.30 19.74
C6 P15 X . 13.99 -6.27 21.01
C5 P15 X . 12.47 -6.36 20.88
O2 P15 X . 11.95 -7.34 21.74
C4 P15 X . 12.41 -7.30 23.06
C3 P15 X . 12.38 -8.71 23.66
O1 P15 X . 11.12 -8.95 24.23
C2 P15 X . 10.82 -10.30 24.43
C1 P15 X . 9.57 -10.42 25.30
OXT P15 X . 8.79 -11.51 24.88
C1 PEG Y . 1.78 -26.48 8.55
O1 PEG Y . 3.02 -27.05 8.23
C2 PEG Y . 1.91 -24.95 8.61
O2 PEG Y . 0.65 -24.37 8.66
C3 PEG Y . 0.33 -23.56 7.56
C4 PEG Y . -1.12 -23.12 7.67
O4 PEG Y . -1.95 -24.26 7.69
C1 PEG Z . 17.17 -2.29 5.70
O1 PEG Z . 17.41 -3.67 5.75
C2 PEG Z . 17.95 -1.64 4.54
O2 PEG Z . 17.59 -2.24 3.32
C3 PEG Z . 16.77 -1.46 2.50
C4 PEG Z . 17.58 -0.36 1.82
O4 PEG Z . 16.86 0.20 0.76
S1 DTT AA . 2.30 -19.52 -23.05
C1 DTT AA . 2.26 -18.96 -24.77
C2 DTT AA . 3.42 -19.45 -25.61
O2 DTT AA . 3.69 -18.49 -26.61
C3 DTT AA . 3.17 -20.80 -26.27
O3 DTT AA . 4.11 -21.01 -27.31
C4 DTT AA . 3.28 -21.96 -25.27
S4 DTT AA . 1.68 -22.44 -24.59
C1 PGE BA . 14.08 -0.64 -0.61
O1 PGE BA . 14.14 -0.11 -1.93
C2 PGE BA . 13.26 -1.91 -0.61
O2 PGE BA . 14.01 -2.97 -1.16
C3 PGE BA . 13.65 -3.31 -2.49
C4 PGE BA . 14.85 -3.90 -3.20
O4 PGE BA . 14.82 -1.72 -6.76
C6 PGE BA . 15.77 -1.45 -5.74
C5 PGE BA . 15.21 -1.91 -4.42
O3 PGE BA . 14.98 -3.31 -4.47
C1 EDO CA . 14.91 -14.05 -8.14
O1 EDO CA . 15.09 -15.13 -7.22
C2 EDO CA . 13.48 -13.53 -8.06
O2 EDO CA . 13.32 -12.43 -8.97
C1 EDO DA . -7.10 -37.67 -16.15
O1 EDO DA . -7.00 -38.15 -14.80
C2 EDO DA . -5.71 -37.28 -16.66
O2 EDO DA . -5.82 -36.83 -18.00
C1 EDO EA . 8.32 15.32 19.22
O1 EDO EA . 9.11 14.94 18.09
C2 EDO EA . 7.30 14.22 19.54
O2 EDO EA . 7.97 12.99 19.83
C1 PGE FA . -2.11 3.56 -22.35
O1 PGE FA . -1.79 4.88 -21.93
C2 PGE FA . -3.61 3.37 -22.29
O2 PGE FA . -3.93 2.04 -22.64
C3 PGE FA . -5.11 1.58 -22.04
C4 PGE FA . -6.28 2.20 -22.77
O4 PGE FA . -9.72 -0.12 -24.01
C6 PGE FA . -8.36 -0.33 -24.35
C5 PGE FA . -7.49 0.22 -23.23
O3 PGE FA . -6.72 1.30 -23.75
C1 PGE GA . -10.06 0.73 -29.62
O1 PGE GA . -8.89 1.51 -29.51
C2 PGE GA . -10.05 -0.13 -30.85
O2 PGE GA . -11.29 0.00 -31.53
C3 PGE GA . -12.39 0.22 -30.66
C4 PGE GA . -13.66 -0.17 -31.34
O4 PGE GA . -14.91 3.63 -30.51
C6 PGE GA . -15.79 2.58 -30.18
C5 PGE GA . -15.10 1.25 -30.12
O3 PGE GA . -14.54 0.94 -31.38
C1 EDO HA . 5.51 7.71 -21.97
O1 EDO HA . 6.60 7.07 -22.66
C2 EDO HA . 4.70 6.68 -21.18
O2 EDO HA . 3.72 7.35 -20.37
C1 EDO IA . -6.71 -23.93 -21.18
O1 EDO IA . -5.58 -23.24 -21.72
C2 EDO IA . -6.43 -25.42 -21.08
O2 EDO IA . -7.58 -26.08 -20.53
C1 EDO JA . -21.78 -18.17 -24.16
O1 EDO JA . -23.19 -18.36 -24.26
C2 EDO JA . -21.05 -19.50 -24.34
O2 EDO JA . -19.64 -19.28 -24.38
C1 PEG KA . 6.98 -2.39 36.71
O1 PEG KA . 7.79 -3.15 37.57
C2 PEG KA . 7.80 -1.87 35.54
O2 PEG KA . 9.11 -1.58 35.98
C3 PEG KA . 9.68 -0.44 35.40
C4 PEG KA . 11.19 -0.49 35.63
O4 PEG KA . 11.73 0.81 35.53
C1 PEG LA . 7.06 -15.33 -26.10
O1 PEG LA . 7.07 -14.31 -25.14
C2 PEG LA . 5.63 -15.82 -26.33
O2 PEG LA . 4.80 -14.73 -26.69
C3 PEG LA . 3.43 -15.03 -26.67
C4 PEG LA . 3.02 -15.69 -27.98
O4 PEG LA . 1.64 -15.92 -27.99
C1 EDO MA . 15.99 -7.98 -6.49
O1 EDO MA . 15.58 -9.04 -7.35
C2 EDO MA . 14.88 -7.67 -5.51
O2 EDO MA . 15.37 -6.84 -4.44
C1 EDO NA . -3.54 19.17 -29.28
O1 EDO NA . -4.89 18.70 -29.34
C2 EDO NA . -3.50 20.58 -28.70
O2 EDO NA . -2.16 21.08 -28.78
C1 PEG OA . -12.70 7.02 -25.64
O1 PEG OA . -12.53 6.12 -24.57
C2 PEG OA . -13.79 8.05 -25.30
O2 PEG OA . -13.68 9.16 -26.14
C3 PEG OA . -14.78 10.02 -26.14
C4 PEG OA . -15.95 9.35 -26.86
O4 PEG OA . -16.96 10.29 -27.10
C1 PEG PA . 10.59 8.15 -18.37
O1 PEG PA . 9.44 8.72 -18.93
C2 PEG PA . 11.29 9.14 -17.43
O2 PEG PA . 12.36 8.50 -16.79
C3 PEG PA . 12.37 8.64 -15.40
C4 PEG PA . 13.30 9.78 -14.99
O4 PEG PA . 13.07 10.14 -13.65
C1 EDO QA . -11.72 19.90 -25.30
O1 EDO QA . -12.26 19.04 -26.31
C2 EDO QA . -11.74 21.35 -25.79
O2 EDO QA . -10.96 21.47 -26.98
C1 PEG RA . -14.60 13.91 -25.30
O1 PEG RA . -15.68 14.05 -26.19
C2 PEG RA . -13.53 14.95 -25.60
O2 PEG RA . -12.66 15.06 -24.52
C3 PEG RA . -12.37 16.38 -24.13
C4 PEG RA . -13.62 17.06 -23.59
O4 PEG RA . -13.27 17.95 -22.56
C1 EDO SA . 13.57 6.88 -26.36
O1 EDO SA . 12.88 6.97 -25.11
C2 EDO SA . 12.95 5.78 -27.21
O2 EDO SA . 13.71 5.64 -28.41
C1 EDO TA . -7.15 22.23 -6.80
O1 EDO TA . -6.39 22.21 -5.59
C2 EDO TA . -6.20 22.29 -8.00
O2 EDO TA . -6.95 22.15 -9.20
O20 EDT UA . -3.68 22.12 -3.24
C5 EDT UA . -2.65 22.06 -3.93
O19 EDT UA . -2.56 22.29 -5.14
C4 EDT UA . -1.37 21.65 -3.20
N3 EDT UA . -0.21 21.44 -4.06
C2 EDT UA . 1.04 21.59 -3.33
C1 EDT UA . 1.01 20.93 -1.95
O18 EDT UA . 0.90 19.69 -1.91
O17 EDT UA . 1.10 21.68 -0.96
C6 EDT UA . -0.27 20.15 -4.77
C7 EDT UA . 0.55 20.10 -6.05
N8 EDT UA . -0.12 20.69 -7.21
C9 EDT UA . 0.23 20.05 -8.47
C10 EDT UA . 1.67 20.21 -8.95
O16 EDT UA . 2.54 19.51 -8.39
O15 EDT UA . 1.87 21.02 -9.88
C11 EDT UA . -0.04 22.15 -7.25
C12 EDT UA . -0.94 22.75 -8.32
O13 EDT UA . -0.45 22.92 -9.47
O14 EDT UA . -2.11 23.06 -7.99
O4 8Q1 VA . 7.22 12.21 -25.83
C16 8Q1 VA . -3.44 10.37 -16.37
O3 8Q1 VA . 13.44 23.69 -28.86
C15 8Q1 VA . -1.97 10.33 -16.83
C14 8Q1 VA . -1.63 10.48 -18.11
C13 8Q1 VA . -0.14 10.43 -18.53
O2 8Q1 VA . 14.53 22.30 -26.81
C12 8Q1 VA . 0.31 11.17 -19.55
C11 8Q1 VA . 1.80 11.12 -19.97
C10 8Q1 VA . 1.93 11.48 -21.48
C9 8Q1 VA . 3.39 11.57 -22.00
C8 8Q1 VA . 3.46 11.64 -23.56
C7 8Q1 VA . 4.90 11.84 -24.12
C6 8Q1 VA . 4.84 12.24 -25.62
C1 8Q1 VA . 6.20 12.62 -26.27
C28 8Q1 VA . 11.86 20.26 -27.61
C29 8Q1 VA . 11.53 19.12 -28.60
C30 8Q1 VA . 11.05 17.88 -27.80
C31 8Q1 VA . 10.41 19.61 -29.56
C32 8Q1 VA . 12.81 18.78 -29.39
C34 8Q1 VA . 12.54 17.73 -30.47
C37 8Q1 VA . 12.55 15.29 -31.20
C38 8Q1 VA . 11.93 14.05 -30.50
C39 8Q1 VA . 10.56 14.42 -29.90
C42 8Q1 VA . 8.90 14.24 -27.98
C43 8Q1 VA . 7.79 13.39 -28.63
N36 8Q1 VA . 12.81 16.31 -30.18
N41 8Q1 VA . 10.21 13.90 -28.57
O27 8Q1 VA . 12.63 21.19 -28.36
O33 8Q1 VA . 13.77 18.29 -28.51
O35 8Q1 VA . 12.14 18.04 -31.54
O40 8Q1 VA . 9.80 15.10 -30.51
P24 8Q1 VA . 13.15 22.59 -27.66
S44 8Q1 VA . 6.22 13.69 -27.75
O1 MES WA . 16.66 22.55 -16.16
C2 MES WA . 17.98 23.05 -16.29
C3 MES WA . 18.52 22.81 -17.69
N4 MES WA . 18.33 21.41 -18.04
C5 MES WA . 16.97 20.88 -17.91
C6 MES WA . 16.56 21.15 -16.47
C7 MES WA . 19.15 20.95 -19.15
C8 MES WA . 18.42 19.85 -19.91
S MES WA . 19.10 19.75 -21.43
O1S MES WA . 18.38 18.72 -22.24
O2S MES WA . 19.00 21.06 -22.11
O3S MES WA . 20.52 19.36 -21.32
C1 EDO XA . 15.17 26.48 -28.18
O1 EDO XA . 14.17 27.35 -27.64
C2 EDO XA . 15.95 25.85 -27.04
O2 EDO XA . 16.78 24.80 -27.56
C1 EDO YA . 7.05 9.34 31.56
O1 EDO YA . 6.12 10.43 31.58
C2 EDO YA . 7.95 9.43 32.79
O2 EDO YA . 8.83 8.30 32.80
OH2 1PE ZA . -13.77 9.18 42.11
C12 1PE ZA . -14.23 9.99 43.17
C22 1PE ZA . -14.67 9.12 44.33
OH3 1PE ZA . -15.91 8.54 44.04
C13 1PE ZA . -17.00 6.42 44.24
C23 1PE ZA . -16.34 7.58 44.97
OH4 1PE ZA . -16.43 5.22 44.66
C14 1PE ZA . -16.40 3.29 43.24
C24 1PE ZA . -17.16 4.07 44.32
OH5 1PE ZA . -17.15 3.26 42.06
C15 1PE ZA . -17.02 3.94 39.78
C25 1PE ZA . -16.39 3.12 40.89
OH6 1PE ZA . -16.04 4.70 39.14
C16 1PE ZA . -15.51 6.94 38.49
C26 1PE ZA . -16.53 5.81 38.44
OH7 1PE ZA . -15.69 7.69 39.65
C1 EDO AB . 4.80 -5.77 40.52
O1 EDO AB . 5.14 -5.70 39.13
C2 EDO AB . 5.80 -4.95 41.33
O2 EDO AB . 5.52 -5.09 42.72
C1 GOL BB . 14.30 4.71 45.40
O1 GOL BB . 13.56 5.39 46.37
C2 GOL BB . 14.12 5.49 44.07
O2 GOL BB . 14.53 6.80 44.20
C3 GOL BB . 14.98 4.72 43.03
O3 GOL BB . 16.32 5.00 43.29
C1 EDO CB . -12.93 10.70 34.36
O1 EDO CB . -12.93 11.06 32.96
C2 EDO CB . -12.06 11.70 35.11
O2 EDO CB . -11.96 11.28 36.49
#